data_9KVP
#
_entry.id   9KVP
#
_cell.length_a   1.00
_cell.length_b   1.00
_cell.length_c   1.00
_cell.angle_alpha   90.00
_cell.angle_beta   90.00
_cell.angle_gamma   90.00
#
_symmetry.space_group_name_H-M   'P 1'
#
loop_
_entity.id
_entity.type
_entity.pdbx_description
1 polymer 'Guanine nucleotide-binding protein G(o) subunit alpha'
2 polymer 'Guanine nucleotide-binding protein G(I)/G(S)/G(T) subunit beta-1'
3 polymer 'Guanine nucleotide-binding protein G(I)/G(S)/G(O) subunit gamma-2'
4 polymer 'Antibody fragment - ScFv16'
5 polymer 'Muscarinic acetylcholine receptor M4,C3a anaphylatoxin chemotactic receptor'
6 non-polymer '(2S)-5-[bis(azanyl)methylideneamino]-2-[2-(2,2-diphenylethoxy)ethanoylamino]pentanoic acid'
#
loop_
_entity_poly.entity_id
_entity_poly.type
_entity_poly.pdbx_seq_one_letter_code
_entity_poly.pdbx_strand_id
1 'polypeptide(L)'
;MGHHHHHHENLYFQGTLSAEERAALERSKAIEKNLKEDGISAAKDVKLLLLGADNSGKSTIVKQMKIIHGGSGGSGGTTG
IVETHFTFKNLHFRLFDVGGQRSERKKWIHCFEDVTAIIFCVDLSDYDQVLHEDETTNRMHESLMLFDSICNNKFFIDTS
IILFLNKKDLFGEKIKKSPLTICFPEYTGPNTYEDAAAYIQAQFESKNRSPNKEIYCHMTCATDTNNAQVIFDAVTDIII
ANNLRGCGLY
;
A
2 'polypeptide(L)'
;MHHHHHHGSSGSELDQLRQEAEQLKNQIRDARKACADATLSQITNNIDPVGRIQMRTRRTLRGHLAKIYAMHWGTDSRLL
VSASQDGKLIIWDSYTTNKVHAIPLRSSWVMTCAYAPSGNYVACGGLDNICSIYNLKTREGNVRVSRELAGHTGYLSCCR
FLDDNQIVTSSGDTTCALWDIETGQQTTTFTGHTGDVMSLSLAPDTRLFVSGACDASAKLWDVREGMCRQTFTGHESDIN
AICFFPNGNAFATGSDDATCRLFDLRADQELMTYSHDNIICGITSVSFSKSGRLLLAGYDDFNCNVWDALKADRAGVLAG
HDNRVSCLGVTDDGMAVATGSWDSFLKIWN
;
B
3 'polypeptide(L)' MASNNTASIAQARKLVEQLKMEANIDRIKVSKAAADLMAYCEAHAKEDPLLTPVPASENPFREKKFFCAIL G
4 'polypeptide(L)'
;DVQLVESGGGLVQPGGSRKLSCSASGFAFSSFGMHWVRQAPEKGLEWVAYISSGSGTIYYADTVKGRFTISRDDPKNTLF
LQMTSLRSEDTAMYYCVRSIYYYGSSPFDFWGQGTTLTVSSGGGGSGGGGSGGGGSDIVMTQATSSVPVTPGESVSISCR
SSKSLLHSNGNTYLYWFLQRPGQSPQLLIYRMSNLASGVPDRFSGSGSGTAFTLTISRLEAEDVGVYYCMQHLEYPLTFG
AGTKLELK
;
H
5 'polypeptide(L)'
;MGKTIIALSYIFCLVFADYKDDDDAANFTPVNGSSGNQSVRLVTSSSLEVLFQGPGSASFSAETNSTDLLSQPWNEPPVI
LSMVILSLTFLLGLPGNGLVLWVAGLKMQRTVNTIWFLHLTLADLLCCLSLPFSLAHLALQGQWPYGRFLCKLIPSIIVL
NMFASVFLLTAISLDRCLVVFKPIWCQNHRNVGMACSICGCIWVVAFVMCIPVFVYREIFTTDNHNRCGYKFGLSSSLDY
PDFYGDPLENRSLENIVQPPGEMNDRLDPSSFQTNDHPWTVPTVFQPQTFQRPSADSLPRGSARLTSQNLYSNVFKPADV
VSPKIPSGFPIEDHETSPLDNSDAFLSTHLKLFPSASSNSFYESELPQGFQDYYNLGQFTDDDQVPTPLVAITITRLVVG
FLLPSVIMIACYSFIVFRMQRGRFAKSQSKTFRVAVVVVAVFLVCWTPYHIFGVLSLLTDPETPLGKTLMSWDHVCIALA
SANSCFNPFLYALLGKDFRKKARQSIQGILEAAFSEELTRSTHCPSNNVISERNSTTV
;
C
#
# COMPACT_ATOMS: atom_id res chain seq x y z
N ALA A 19 18.51 -17.93 -8.78
CA ALA A 19 18.44 -18.77 -9.98
C ALA A 19 17.24 -18.41 -10.85
N GLU A 20 16.03 -18.62 -10.32
CA GLU A 20 14.79 -18.18 -10.95
C GLU A 20 14.06 -17.16 -10.11
N GLU A 21 14.70 -16.66 -9.05
CA GLU A 21 14.17 -15.52 -8.31
C GLU A 21 14.29 -14.22 -9.11
N ARG A 22 15.13 -14.20 -10.14
CA ARG A 22 15.20 -13.04 -11.01
C ARG A 22 13.90 -12.83 -11.77
N ALA A 23 13.31 -13.92 -12.25
CA ALA A 23 12.03 -13.80 -12.95
C ALA A 23 10.92 -13.38 -12.00
N ALA A 24 10.95 -13.86 -10.76
CA ALA A 24 9.98 -13.41 -9.77
C ALA A 24 10.14 -11.93 -9.45
N LEU A 25 11.39 -11.47 -9.38
CA LEU A 25 11.64 -10.04 -9.20
C LEU A 25 11.09 -9.23 -10.37
N GLU A 26 11.28 -9.75 -11.59
CA GLU A 26 10.73 -9.09 -12.77
C GLU A 26 9.22 -9.00 -12.70
N ARG A 27 8.57 -10.09 -12.29
CA ARG A 27 7.11 -10.09 -12.18
C ARG A 27 6.64 -9.11 -11.11
N SER A 28 7.36 -9.05 -9.99
CA SER A 28 7.02 -8.10 -8.93
C SER A 28 7.13 -6.66 -9.42
N LYS A 29 8.19 -6.36 -10.17
CA LYS A 29 8.34 -5.02 -10.72
C LYS A 29 7.23 -4.70 -11.71
N ALA A 30 6.85 -5.66 -12.55
CA ALA A 30 5.78 -5.44 -13.50
C ALA A 30 4.47 -5.11 -12.81
N ILE A 31 4.14 -5.87 -11.76
CA ILE A 31 2.86 -5.60 -11.10
C ILE A 31 2.93 -4.37 -10.21
N GLU A 32 4.12 -3.98 -9.74
CA GLU A 32 4.27 -2.68 -9.10
C GLU A 32 4.01 -1.54 -10.08
N LYS A 33 4.50 -1.70 -11.32
CA LYS A 33 4.22 -0.71 -12.36
C LYS A 33 2.72 -0.62 -12.63
N ASN A 34 2.04 -1.77 -12.70
CA ASN A 34 0.59 -1.76 -12.87
C ASN A 34 -0.11 -1.07 -11.71
N LEU A 35 0.37 -1.31 -10.48
CA LEU A 35 -0.20 -0.65 -9.31
C LEU A 35 -0.05 0.87 -9.41
N LYS A 36 1.11 1.34 -9.84
CA LYS A 36 1.33 2.77 -9.98
C LYS A 36 0.42 3.36 -11.04
N GLU A 37 0.27 2.68 -12.18
CA GLU A 37 -0.61 3.17 -13.23
C GLU A 37 -2.05 3.24 -12.74
N ASP A 38 -2.49 2.22 -11.99
CA ASP A 38 -3.83 2.22 -11.43
C ASP A 38 -4.03 3.38 -10.47
N GLY A 39 -3.02 3.65 -9.63
CA GLY A 39 -3.13 4.76 -8.71
C GLY A 39 -3.22 6.11 -9.40
N ILE A 40 -2.44 6.29 -10.46
CA ILE A 40 -2.51 7.53 -11.23
C ILE A 40 -3.87 7.69 -11.86
N SER A 41 -4.42 6.60 -12.42
CA SER A 41 -5.76 6.67 -13.00
C SER A 41 -6.82 6.98 -11.95
N ALA A 42 -6.67 6.40 -10.75
CA ALA A 42 -7.69 6.55 -9.72
C ALA A 42 -7.66 7.93 -9.08
N ALA A 43 -6.47 8.55 -8.99
CA ALA A 43 -6.36 9.85 -8.35
C ALA A 43 -7.09 10.95 -9.12
N LYS A 44 -7.47 10.72 -10.37
CA LYS A 44 -8.14 11.75 -11.15
C LYS A 44 -9.60 11.92 -10.74
N ASP A 45 -10.21 10.88 -10.19
CA ASP A 45 -11.62 10.93 -9.84
C ASP A 45 -11.88 11.88 -8.68
N VAL A 46 -13.04 12.52 -8.70
CA VAL A 46 -13.53 13.33 -7.59
C VAL A 46 -14.55 12.50 -6.85
N LYS A 47 -14.23 12.14 -5.62
CA LYS A 47 -15.08 11.28 -4.80
C LYS A 47 -15.94 12.13 -3.88
N LEU A 48 -17.23 11.82 -3.82
CA LEU A 48 -18.18 12.59 -3.05
C LEU A 48 -19.00 11.65 -2.19
N LEU A 49 -19.08 11.95 -0.89
CA LEU A 49 -19.91 11.20 0.03
C LEU A 49 -21.30 11.81 0.05
N LEU A 50 -22.30 10.98 -0.23
CA LEU A 50 -23.67 11.44 -0.43
C LEU A 50 -24.51 11.04 0.77
N LEU A 51 -24.91 12.03 1.56
CA LEU A 51 -25.56 11.80 2.85
C LEU A 51 -26.92 12.50 2.89
N GLY A 52 -27.62 12.29 3.99
CA GLY A 52 -28.96 12.79 4.18
C GLY A 52 -29.88 11.72 4.73
N ALA A 53 -31.04 12.17 5.20
CA ALA A 53 -32.03 11.26 5.76
C ALA A 53 -32.63 10.40 4.64
N ASP A 54 -33.49 9.46 5.05
CA ASP A 54 -34.15 8.60 4.07
C ASP A 54 -35.22 9.38 3.31
N ASN A 55 -35.34 9.08 2.02
CA ASN A 55 -36.30 9.76 1.14
C ASN A 55 -36.11 11.27 1.15
N SER A 56 -34.86 11.71 1.22
CA SER A 56 -34.52 13.12 1.27
C SER A 56 -34.20 13.72 -0.10
N GLY A 57 -34.32 12.93 -1.16
CA GLY A 57 -33.96 13.38 -2.49
C GLY A 57 -32.63 12.88 -2.99
N LYS A 58 -31.95 12.02 -2.23
CA LYS A 58 -30.65 11.50 -2.66
C LYS A 58 -30.79 10.70 -3.95
N SER A 59 -31.78 9.81 -4.01
CA SER A 59 -32.04 9.04 -5.21
C SER A 59 -32.41 9.95 -6.38
N THR A 60 -33.18 11.01 -6.10
CA THR A 60 -33.61 11.89 -7.18
C THR A 60 -32.42 12.57 -7.84
N ILE A 61 -31.48 13.10 -7.04
CA ILE A 61 -30.36 13.80 -7.66
C ILE A 61 -29.39 12.82 -8.28
N VAL A 62 -29.23 11.62 -7.71
CA VAL A 62 -28.31 10.67 -8.34
C VAL A 62 -28.92 10.06 -9.61
N LYS A 63 -30.24 10.13 -9.75
CA LYS A 63 -30.89 9.66 -10.98
C LYS A 63 -31.06 10.75 -12.01
N GLN A 64 -31.07 12.02 -11.60
CA GLN A 64 -31.13 13.12 -12.56
C GLN A 64 -29.88 13.16 -13.44
N MET A 65 -28.80 12.59 -12.94
CA MET A 65 -27.52 12.57 -13.64
C MET A 65 -26.95 11.15 -13.68
N THR A 79 -26.10 -3.89 -2.54
CA THR A 79 -26.93 -3.55 -1.41
C THR A 79 -26.12 -2.89 -0.30
N GLY A 80 -24.82 -3.15 -0.29
CA GLY A 80 -23.93 -2.57 0.69
C GLY A 80 -23.68 -1.09 0.47
N ILE A 81 -23.00 -0.78 -0.63
CA ILE A 81 -22.73 0.60 -1.03
C ILE A 81 -23.05 0.74 -2.50
N VAL A 82 -23.70 1.84 -2.85
CA VAL A 82 -24.01 2.16 -4.24
C VAL A 82 -23.06 3.26 -4.69
N GLU A 83 -22.29 2.98 -5.74
CA GLU A 83 -21.44 3.98 -6.37
C GLU A 83 -22.04 4.37 -7.71
N THR A 84 -22.12 5.67 -7.96
CA THR A 84 -22.55 6.20 -9.25
C THR A 84 -21.45 7.08 -9.81
N HIS A 85 -21.08 6.83 -11.06
CA HIS A 85 -20.03 7.57 -11.73
C HIS A 85 -20.59 8.30 -12.93
N PHE A 86 -20.18 9.56 -13.09
CA PHE A 86 -20.55 10.35 -14.25
C PHE A 86 -19.45 11.37 -14.52
N THR A 87 -19.48 11.93 -15.72
CA THR A 87 -18.48 12.90 -16.16
C THR A 87 -19.18 14.20 -16.51
N PHE A 88 -18.65 15.32 -16.01
CA PHE A 88 -19.19 16.64 -16.28
C PHE A 88 -18.03 17.61 -16.49
N LYS A 89 -17.93 18.14 -17.71
CA LYS A 89 -16.91 19.12 -18.06
C LYS A 89 -15.51 18.63 -17.70
N ASN A 90 -15.21 17.40 -18.14
CA ASN A 90 -13.91 16.76 -18.01
C ASN A 90 -13.50 16.45 -16.58
N LEU A 91 -14.46 16.31 -15.67
CA LEU A 91 -14.21 15.75 -14.35
C LEU A 91 -14.99 14.46 -14.18
N HIS A 92 -14.33 13.42 -13.70
CA HIS A 92 -14.99 12.17 -13.35
C HIS A 92 -15.42 12.23 -11.90
N PHE A 93 -16.72 12.13 -11.66
CA PHE A 93 -17.29 12.19 -10.32
C PHE A 93 -17.67 10.80 -9.86
N ARG A 94 -17.26 10.45 -8.64
CA ARG A 94 -17.61 9.18 -8.02
C ARG A 94 -18.48 9.47 -6.81
N LEU A 95 -19.75 9.07 -6.89
CA LEU A 95 -20.74 9.35 -5.85
C LEU A 95 -21.04 8.07 -5.10
N PHE A 96 -20.89 8.10 -3.78
CA PHE A 96 -21.13 6.94 -2.93
C PHE A 96 -22.33 7.21 -2.05
N ASP A 97 -23.32 6.33 -2.11
CA ASP A 97 -24.50 6.39 -1.26
C ASP A 97 -24.38 5.29 -0.21
N VAL A 98 -24.50 5.68 1.05
CA VAL A 98 -24.33 4.76 2.18
C VAL A 98 -25.63 4.61 2.97
N GLY A 99 -26.77 4.94 2.36
CA GLY A 99 -28.02 4.89 3.08
C GLY A 99 -28.47 3.48 3.43
N GLY A 100 -28.05 2.49 2.64
CA GLY A 100 -28.45 1.12 2.87
C GLY A 100 -27.73 0.43 4.01
N GLN A 101 -26.64 1.01 4.50
CA GLN A 101 -25.93 0.45 5.65
C GLN A 101 -26.75 0.70 6.91
N ARG A 102 -27.52 -0.30 7.32
CA ARG A 102 -28.41 -0.16 8.47
C ARG A 102 -27.70 -0.49 9.77
N SER A 103 -26.55 0.14 9.98
CA SER A 103 -25.75 -0.04 11.19
C SER A 103 -25.14 1.30 11.54
N GLU A 104 -24.45 1.35 12.68
CA GLU A 104 -23.87 2.60 13.13
C GLU A 104 -22.76 3.04 12.18
N ARG A 105 -22.68 4.35 11.93
CA ARG A 105 -21.70 4.90 11.01
C ARG A 105 -20.31 5.01 11.61
N LYS A 106 -20.18 4.99 12.94
CA LYS A 106 -18.88 5.28 13.57
C LYS A 106 -17.84 4.20 13.31
N LYS A 107 -18.24 3.03 12.82
CA LYS A 107 -17.29 1.97 12.51
C LYS A 107 -16.74 2.03 11.09
N TRP A 108 -17.39 2.75 10.18
CA TRP A 108 -16.93 2.79 8.81
C TRP A 108 -16.91 4.19 8.20
N ILE A 109 -17.33 5.23 8.94
CA ILE A 109 -17.36 6.56 8.36
C ILE A 109 -15.96 7.04 8.01
N HIS A 110 -14.94 6.48 8.65
CA HIS A 110 -13.55 6.82 8.33
C HIS A 110 -13.13 6.29 6.96
N CYS A 111 -13.88 5.35 6.38
CA CYS A 111 -13.57 4.86 5.05
C CYS A 111 -13.76 5.93 3.99
N PHE A 112 -14.43 7.03 4.31
CA PHE A 112 -14.67 8.12 3.38
C PHE A 112 -13.98 9.41 3.83
N GLU A 113 -12.91 9.27 4.62
CA GLU A 113 -12.18 10.42 5.13
C GLU A 113 -11.60 11.26 4.00
N ASP A 114 -11.23 10.64 2.89
CA ASP A 114 -10.49 11.29 1.83
C ASP A 114 -11.36 11.80 0.68
N VAL A 115 -12.67 11.87 0.88
CA VAL A 115 -13.55 12.36 -0.18
C VAL A 115 -13.30 13.85 -0.39
N THR A 116 -13.54 14.31 -1.62
CA THR A 116 -13.39 15.72 -1.93
C THR A 116 -14.41 16.57 -1.17
N ALA A 117 -15.66 16.12 -1.12
CA ALA A 117 -16.72 16.90 -0.50
C ALA A 117 -17.85 15.95 -0.12
N ILE A 118 -18.78 16.47 0.68
CA ILE A 118 -19.94 15.72 1.15
C ILE A 118 -21.20 16.36 0.57
N ILE A 119 -22.05 15.55 -0.04
CA ILE A 119 -23.35 15.97 -0.52
C ILE A 119 -24.38 15.64 0.55
N PHE A 120 -25.12 16.65 1.00
CA PHE A 120 -26.15 16.46 2.01
C PHE A 120 -27.48 16.93 1.45
N CYS A 121 -28.48 16.06 1.51
CA CYS A 121 -29.80 16.33 0.96
C CYS A 121 -30.80 16.48 2.10
N VAL A 122 -31.65 17.50 1.99
CA VAL A 122 -32.69 17.76 2.98
C VAL A 122 -33.99 18.02 2.23
N ASP A 123 -35.05 17.30 2.62
CA ASP A 123 -36.38 17.53 2.08
C ASP A 123 -37.04 18.63 2.91
N LEU A 124 -37.17 19.82 2.33
CA LEU A 124 -37.78 20.93 3.05
C LEU A 124 -39.23 20.62 3.40
N SER A 125 -39.94 19.93 2.51
CA SER A 125 -41.32 19.51 2.76
C SER A 125 -41.31 18.21 3.57
N ASP A 126 -40.93 18.33 4.84
CA ASP A 126 -40.90 17.19 5.74
C ASP A 126 -41.05 17.64 7.18
N HIS A 141 -35.38 17.82 12.03
CA HIS A 141 -34.84 17.53 13.35
C HIS A 141 -33.81 16.39 13.27
N GLU A 142 -34.23 15.25 12.71
CA GLU A 142 -33.30 14.16 12.48
C GLU A 142 -32.22 14.56 11.49
N SER A 143 -32.61 15.28 10.41
CA SER A 143 -31.63 15.78 9.45
C SER A 143 -30.66 16.75 10.12
N LEU A 144 -31.17 17.60 11.01
CA LEU A 144 -30.30 18.54 11.71
C LEU A 144 -29.26 17.81 12.57
N MET A 145 -29.69 16.78 13.30
CA MET A 145 -28.75 16.03 14.13
C MET A 145 -27.75 15.26 13.27
N LEU A 146 -28.19 14.71 12.14
CA LEU A 146 -27.27 14.02 11.25
C LEU A 146 -26.24 14.99 10.69
N PHE A 147 -26.67 16.19 10.27
CA PHE A 147 -25.74 17.19 9.77
C PHE A 147 -24.78 17.64 10.87
N ASP A 148 -25.27 17.77 12.10
CA ASP A 148 -24.40 18.15 13.20
C ASP A 148 -23.34 17.09 13.47
N SER A 149 -23.73 15.82 13.44
CA SER A 149 -22.77 14.75 13.68
C SER A 149 -21.74 14.65 12.56
N ILE A 150 -22.18 14.74 11.30
CA ILE A 150 -21.24 14.65 10.19
C ILE A 150 -20.32 15.87 10.13
N CYS A 151 -20.89 17.06 10.34
CA CYS A 151 -20.12 18.29 10.15
C CYS A 151 -18.99 18.40 11.15
N ASN A 152 -19.19 17.94 12.37
CA ASN A 152 -18.20 18.05 13.44
C ASN A 152 -17.46 16.75 13.69
N ASN A 153 -17.52 15.81 12.75
CA ASN A 153 -16.77 14.57 12.85
C ASN A 153 -15.28 14.86 12.77
N LYS A 154 -14.49 14.08 13.52
CA LYS A 154 -13.05 14.25 13.55
C LYS A 154 -12.41 13.91 12.21
N PHE A 155 -13.04 13.04 11.42
CA PHE A 155 -12.50 12.71 10.10
C PHE A 155 -12.89 13.71 9.02
N PHE A 156 -13.82 14.62 9.30
CA PHE A 156 -14.32 15.55 8.29
C PHE A 156 -14.12 17.01 8.72
N ILE A 157 -13.02 17.30 9.41
CA ILE A 157 -12.77 18.66 9.88
C ILE A 157 -12.59 19.61 8.71
N ASP A 158 -11.78 19.22 7.72
CA ASP A 158 -11.48 20.06 6.57
C ASP A 158 -12.33 19.71 5.35
N THR A 159 -13.29 18.81 5.47
CA THR A 159 -14.12 18.39 4.35
C THR A 159 -15.29 19.35 4.19
N SER A 160 -15.45 19.88 2.98
CA SER A 160 -16.54 20.78 2.69
C SER A 160 -17.82 20.01 2.37
N ILE A 161 -18.96 20.64 2.65
CA ILE A 161 -20.26 20.03 2.45
C ILE A 161 -21.04 20.86 1.44
N ILE A 162 -21.58 20.21 0.42
CA ILE A 162 -22.52 20.82 -0.52
C ILE A 162 -23.91 20.47 -0.04
N LEU A 163 -24.67 21.46 0.39
CA LEU A 163 -25.97 21.24 1.01
C LEU A 163 -27.08 21.49 -0.01
N PHE A 164 -27.92 20.50 -0.21
CA PHE A 164 -29.03 20.57 -1.14
C PHE A 164 -30.34 20.64 -0.36
N LEU A 165 -31.17 21.62 -0.69
CA LEU A 165 -32.49 21.79 -0.09
C LEU A 165 -33.52 21.49 -1.18
N ASN A 166 -33.88 20.22 -1.32
CA ASN A 166 -34.74 19.76 -2.40
C ASN A 166 -36.19 20.05 -2.07
N LYS A 167 -37.07 19.76 -3.03
CA LYS A 167 -38.52 19.89 -2.85
C LYS A 167 -38.93 21.32 -2.49
N LYS A 168 -38.39 22.28 -3.25
CA LYS A 168 -38.71 23.69 -2.99
C LYS A 168 -40.19 23.99 -3.23
N ASP A 169 -40.73 23.49 -4.34
CA ASP A 169 -42.14 23.74 -4.65
C ASP A 169 -43.06 23.07 -3.63
N LEU A 170 -42.75 21.84 -3.24
CA LEU A 170 -43.54 21.16 -2.22
C LEU A 170 -43.48 21.91 -0.89
N PHE A 171 -42.30 22.46 -0.57
CA PHE A 171 -42.18 23.25 0.65
C PHE A 171 -43.05 24.50 0.59
N GLY A 172 -43.07 25.16 -0.58
CA GLY A 172 -43.95 26.31 -0.73
C GLY A 172 -45.42 25.97 -0.60
N GLU A 173 -45.82 24.84 -1.19
CA GLU A 173 -47.21 24.39 -1.04
C GLU A 173 -47.53 24.09 0.42
N LYS A 174 -46.61 23.44 1.13
CA LYS A 174 -46.85 23.13 2.54
C LYS A 174 -46.96 24.39 3.38
N ILE A 175 -46.11 25.39 3.10
CA ILE A 175 -46.21 26.67 3.80
C ILE A 175 -47.57 27.31 3.53
N LYS A 176 -47.99 27.30 2.26
CA LYS A 176 -49.32 27.82 1.93
C LYS A 176 -50.41 27.04 2.64
N LYS A 177 -50.16 25.78 2.98
CA LYS A 177 -51.12 24.97 3.72
C LYS A 177 -50.94 25.07 5.23
N SER A 178 -49.71 24.89 5.72
CA SER A 178 -49.45 24.88 7.14
C SER A 178 -48.24 25.76 7.48
N PRO A 179 -48.26 26.41 8.63
CA PRO A 179 -47.12 27.26 9.01
C PRO A 179 -45.87 26.45 9.31
N LEU A 180 -44.72 27.10 9.15
CA LEU A 180 -43.43 26.47 9.38
C LEU A 180 -43.02 26.47 10.85
N THR A 181 -43.82 27.09 11.73
CA THR A 181 -43.50 27.09 13.15
C THR A 181 -43.70 25.73 13.80
N ILE A 182 -44.35 24.79 13.11
CA ILE A 182 -44.57 23.46 13.69
C ILE A 182 -43.25 22.74 13.90
N CYS A 183 -42.38 22.78 12.89
CA CYS A 183 -41.08 22.10 13.01
C CYS A 183 -40.15 22.84 13.97
N PHE A 184 -40.08 24.16 13.86
CA PHE A 184 -39.21 24.96 14.71
C PHE A 184 -40.05 25.82 15.65
N PRO A 185 -40.17 25.46 16.93
CA PRO A 185 -40.99 26.28 17.85
C PRO A 185 -40.47 27.69 18.01
N GLU A 186 -39.15 27.91 17.94
CA GLU A 186 -38.56 29.21 18.18
C GLU A 186 -38.44 30.05 16.92
N TYR A 187 -39.27 29.80 15.91
CA TYR A 187 -39.22 30.55 14.66
C TYR A 187 -40.16 31.75 14.78
N THR A 188 -39.58 32.95 14.79
CA THR A 188 -40.35 34.19 14.89
C THR A 188 -40.08 35.02 13.65
N GLY A 189 -41.13 35.31 12.89
CA GLY A 189 -41.02 36.09 11.69
C GLY A 189 -42.17 35.83 10.74
N PRO A 190 -42.15 36.46 9.57
CA PRO A 190 -43.22 36.25 8.60
C PRO A 190 -43.24 34.82 8.08
N ASN A 191 -44.43 34.35 7.73
CA ASN A 191 -44.64 32.97 7.30
C ASN A 191 -44.55 32.84 5.78
N THR A 192 -43.70 33.62 5.14
CA THR A 192 -43.53 33.54 3.70
C THR A 192 -42.56 32.43 3.34
N TYR A 193 -42.56 32.07 2.06
CA TYR A 193 -41.66 31.03 1.58
C TYR A 193 -40.19 31.42 1.75
N GLU A 194 -39.81 32.60 1.26
CA GLU A 194 -38.40 32.95 1.18
C GLU A 194 -37.76 33.03 2.57
N ASP A 195 -38.45 33.67 3.51
CA ASP A 195 -37.87 33.85 4.84
C ASP A 195 -37.80 32.52 5.59
N ALA A 196 -38.81 31.66 5.42
CA ALA A 196 -38.76 30.35 6.05
C ALA A 196 -37.61 29.50 5.50
N ALA A 197 -37.41 29.55 4.18
CA ALA A 197 -36.28 28.83 3.60
C ALA A 197 -34.96 29.39 4.09
N ALA A 198 -34.86 30.72 4.19
CA ALA A 198 -33.63 31.33 4.70
C ALA A 198 -33.37 30.92 6.15
N TYR A 199 -34.43 30.84 6.96
CA TYR A 199 -34.27 30.41 8.34
C TYR A 199 -33.78 28.97 8.42
N ILE A 200 -34.32 28.08 7.58
CA ILE A 200 -33.86 26.69 7.58
C ILE A 200 -32.39 26.62 7.16
N GLN A 201 -32.02 27.39 6.14
CA GLN A 201 -30.65 27.44 5.66
C GLN A 201 -29.70 27.91 6.76
N ALA A 202 -30.12 28.93 7.52
CA ALA A 202 -29.32 29.40 8.65
C ALA A 202 -29.24 28.34 9.74
N GLN A 203 -30.33 27.60 9.95
CA GLN A 203 -30.32 26.57 11.00
C GLN A 203 -29.33 25.45 10.67
N PHE A 204 -29.23 25.07 9.39
CA PHE A 204 -28.15 24.14 9.04
C PHE A 204 -26.78 24.76 9.18
N GLU A 205 -26.56 25.98 8.68
CA GLU A 205 -25.19 26.48 8.78
C GLU A 205 -24.79 26.90 10.19
N SER A 206 -25.73 26.98 11.13
CA SER A 206 -25.34 27.21 12.51
C SER A 206 -24.60 26.02 13.11
N LYS A 207 -24.65 24.87 12.47
CA LYS A 207 -24.06 23.64 12.98
C LYS A 207 -22.58 23.53 12.68
N ASN A 208 -21.99 24.48 11.96
CA ASN A 208 -20.59 24.44 11.59
C ASN A 208 -19.75 25.27 12.55
N ARG A 209 -18.67 24.67 13.04
CA ARG A 209 -17.71 25.36 13.90
C ARG A 209 -16.33 25.51 13.28
N SER A 210 -16.00 24.72 12.28
CA SER A 210 -14.65 24.74 11.71
C SER A 210 -14.51 25.87 10.70
N PRO A 211 -13.57 26.80 10.89
CA PRO A 211 -13.36 27.85 9.87
C PRO A 211 -12.70 27.36 8.60
N ASN A 212 -12.06 26.18 8.63
CA ASN A 212 -11.36 25.66 7.46
C ASN A 212 -12.26 24.86 6.54
N LYS A 213 -13.58 25.05 6.62
CA LYS A 213 -14.52 24.36 5.76
C LYS A 213 -15.66 25.29 5.41
N GLU A 214 -16.26 25.09 4.24
CA GLU A 214 -17.34 25.92 3.75
C GLU A 214 -18.54 25.05 3.41
N ILE A 215 -19.72 25.65 3.48
CA ILE A 215 -20.97 24.98 3.19
C ILE A 215 -21.61 25.68 2.00
N TYR A 216 -21.81 24.95 0.92
CA TYR A 216 -22.42 25.47 -0.30
C TYR A 216 -23.88 25.01 -0.32
N CYS A 217 -24.81 25.94 -0.12
CA CYS A 217 -26.23 25.62 -0.08
C CYS A 217 -26.91 26.03 -1.37
N HIS A 218 -27.61 25.08 -1.98
CA HIS A 218 -28.44 25.32 -3.15
C HIS A 218 -29.83 24.76 -2.88
N MET A 219 -30.84 25.45 -3.40
CA MET A 219 -32.22 25.01 -3.28
C MET A 219 -32.71 24.52 -4.63
N THR A 220 -33.26 23.31 -4.65
CA THR A 220 -33.74 22.68 -5.86
C THR A 220 -35.22 22.36 -5.72
N CYS A 221 -35.93 22.36 -6.85
CA CYS A 221 -37.33 21.98 -6.89
C CYS A 221 -37.54 20.60 -7.50
N ALA A 222 -36.46 19.92 -7.89
CA ALA A 222 -36.46 18.58 -8.47
C ALA A 222 -37.01 18.59 -9.89
N THR A 223 -37.54 19.74 -10.32
CA THR A 223 -37.88 19.96 -11.73
C THR A 223 -36.79 20.77 -12.41
N ASP A 224 -35.57 20.26 -12.35
CA ASP A 224 -34.43 20.98 -12.90
C ASP A 224 -33.31 20.00 -13.19
N THR A 225 -32.40 20.41 -14.07
CA THR A 225 -31.24 19.62 -14.46
C THR A 225 -29.94 20.39 -14.24
N ASN A 226 -29.95 21.34 -13.30
CA ASN A 226 -28.79 22.18 -13.01
C ASN A 226 -27.92 21.64 -11.89
N ASN A 227 -28.30 20.52 -11.27
CA ASN A 227 -27.59 20.07 -10.07
C ASN A 227 -26.15 19.68 -10.38
N ALA A 228 -25.91 19.08 -11.54
CA ALA A 228 -24.55 18.77 -11.94
C ALA A 228 -23.70 20.03 -12.05
N GLN A 229 -24.28 21.10 -12.58
CA GLN A 229 -23.55 22.36 -12.67
C GLN A 229 -23.22 22.93 -11.30
N VAL A 230 -24.18 22.88 -10.36
CA VAL A 230 -23.94 23.38 -9.01
C VAL A 230 -22.83 22.59 -8.33
N ILE A 231 -22.89 21.26 -8.46
CA ILE A 231 -21.84 20.42 -7.90
C ILE A 231 -20.50 20.76 -8.53
N PHE A 232 -20.49 21.01 -9.85
CA PHE A 232 -19.26 21.35 -10.54
C PHE A 232 -18.65 22.63 -9.98
N ASP A 233 -19.46 23.69 -9.85
CA ASP A 233 -18.92 24.95 -9.33
C ASP A 233 -18.41 24.79 -7.91
N ALA A 234 -19.18 24.10 -7.06
CA ALA A 234 -18.74 23.93 -5.68
C ALA A 234 -17.45 23.12 -5.59
N VAL A 235 -17.37 22.03 -6.36
CA VAL A 235 -16.20 21.16 -6.32
C VAL A 235 -14.97 21.87 -6.90
N THR A 236 -15.17 22.71 -7.92
CA THR A 236 -14.06 23.52 -8.43
C THR A 236 -13.51 24.42 -7.34
N ASP A 237 -14.41 25.10 -6.62
CA ASP A 237 -13.98 25.95 -5.51
C ASP A 237 -13.26 25.14 -4.45
N ILE A 238 -13.79 23.95 -4.12
CA ILE A 238 -13.19 23.10 -3.10
C ILE A 238 -11.79 22.63 -3.52
N ILE A 239 -11.63 22.24 -4.79
CA ILE A 239 -10.33 21.78 -5.25
C ILE A 239 -9.33 22.91 -5.27
N ILE A 240 -9.77 24.12 -5.61
CA ILE A 240 -8.87 25.28 -5.54
C ILE A 240 -8.41 25.48 -4.10
N ALA A 241 -9.33 25.40 -3.15
CA ALA A 241 -8.97 25.56 -1.74
C ALA A 241 -8.01 24.46 -1.27
N ASN A 242 -8.28 23.22 -1.65
CA ASN A 242 -7.43 22.11 -1.21
C ASN A 242 -6.04 22.19 -1.83
N ASN A 243 -5.95 22.55 -3.10
CA ASN A 243 -4.65 22.74 -3.74
C ASN A 243 -3.88 23.87 -3.08
N LEU A 244 -4.56 24.97 -2.75
CA LEU A 244 -3.90 26.08 -2.08
C LEU A 244 -3.39 25.66 -0.70
N ARG A 245 -4.18 24.88 0.03
CA ARG A 245 -3.74 24.40 1.34
C ARG A 245 -2.55 23.46 1.20
N GLY A 246 -2.56 22.60 0.18
CA GLY A 246 -1.43 21.71 -0.05
C GLY A 246 -0.17 22.42 -0.47
N CYS A 247 -0.29 23.62 -1.04
CA CYS A 247 0.86 24.44 -1.38
C CYS A 247 1.29 25.34 -0.23
N GLY A 248 0.55 25.36 0.87
CA GLY A 248 0.90 26.19 2.01
C GLY A 248 0.50 27.65 1.92
N LEU A 249 -0.30 28.03 0.93
CA LEU A 249 -0.70 29.42 0.74
C LEU A 249 -2.13 29.69 1.18
N TYR A 250 -2.71 28.83 2.01
CA TYR A 250 -4.10 29.01 2.41
C TYR A 250 -4.39 28.22 3.69
N GLU B 13 -46.38 -11.68 31.22
CA GLU B 13 -45.30 -12.57 31.64
C GLU B 13 -43.94 -11.99 31.27
N LEU B 14 -43.95 -10.84 30.59
CA LEU B 14 -42.71 -10.19 30.20
C LEU B 14 -41.90 -9.76 31.43
N ASP B 15 -42.58 -9.23 32.44
CA ASP B 15 -41.89 -8.83 33.67
C ASP B 15 -41.27 -10.03 34.37
N GLN B 16 -41.99 -11.15 34.39
CA GLN B 16 -41.45 -12.36 35.01
C GLN B 16 -40.21 -12.85 34.27
N LEU B 17 -40.24 -12.81 32.94
CA LEU B 17 -39.07 -13.23 32.17
C LEU B 17 -37.90 -12.27 32.40
N ARG B 18 -38.17 -10.97 32.50
CA ARG B 18 -37.11 -10.02 32.79
C ARG B 18 -36.49 -10.27 34.16
N GLN B 19 -37.33 -10.56 35.16
CA GLN B 19 -36.81 -10.88 36.48
C GLN B 19 -36.00 -12.17 36.47
N GLU B 20 -36.44 -13.16 35.70
CA GLU B 20 -35.68 -14.40 35.57
C GLU B 20 -34.33 -14.13 34.92
N ALA B 21 -34.29 -13.30 33.90
CA ALA B 21 -33.02 -12.94 33.28
C ALA B 21 -32.10 -12.23 34.26
N GLU B 22 -32.65 -11.31 35.05
CA GLU B 22 -31.84 -10.59 36.03
C GLU B 22 -31.27 -11.53 37.07
N GLN B 23 -32.10 -12.45 37.59
CA GLN B 23 -31.59 -13.38 38.60
C GLN B 23 -30.60 -14.37 38.01
N LEU B 24 -30.78 -14.76 36.74
CA LEU B 24 -29.79 -15.61 36.09
C LEU B 24 -28.46 -14.88 35.94
N LYS B 25 -28.49 -13.60 35.58
CA LYS B 25 -27.26 -12.83 35.48
C LYS B 25 -26.58 -12.71 36.84
N ASN B 26 -27.37 -12.47 37.90
CA ASN B 26 -26.80 -12.41 39.24
C ASN B 26 -26.18 -13.74 39.65
N GLN B 27 -26.85 -14.85 39.31
CA GLN B 27 -26.30 -16.16 39.60
C GLN B 27 -24.99 -16.41 38.87
N ILE B 28 -24.93 -15.99 37.59
CA ILE B 28 -23.69 -16.14 36.82
C ILE B 28 -22.57 -15.33 37.46
N ARG B 29 -22.87 -14.09 37.87
CA ARG B 29 -21.86 -13.25 38.50
C ARG B 29 -21.36 -13.87 39.80
N ASP B 30 -22.29 -14.40 40.63
CA ASP B 30 -21.90 -15.02 41.88
C ASP B 30 -21.05 -16.27 41.63
N ALA B 31 -21.43 -17.08 40.64
CA ALA B 31 -20.67 -18.29 40.34
C ALA B 31 -19.27 -17.94 39.85
N ARG B 32 -19.15 -16.90 39.03
CA ARG B 32 -17.83 -16.46 38.59
C ARG B 32 -17.01 -15.93 39.76
N LYS B 33 -17.65 -15.21 40.68
CA LYS B 33 -16.93 -14.69 41.84
C LYS B 33 -16.51 -15.81 42.78
N ALA B 34 -17.22 -16.93 42.78
CA ALA B 34 -16.86 -18.04 43.65
C ALA B 34 -15.54 -18.68 43.23
N CYS B 35 -15.26 -18.71 41.93
CA CYS B 35 -14.05 -19.31 41.41
C CYS B 35 -12.85 -18.37 41.44
N ALA B 36 -13.03 -17.12 41.83
CA ALA B 36 -11.93 -16.15 41.90
C ALA B 36 -11.27 -16.22 43.28
N ASP B 37 -10.53 -17.30 43.49
CA ASP B 37 -9.80 -17.47 44.74
C ASP B 37 -8.58 -16.56 44.78
N ALA B 38 -7.85 -16.44 43.67
CA ALA B 38 -6.68 -15.59 43.58
C ALA B 38 -6.59 -15.04 42.16
N THR B 39 -5.86 -13.95 42.01
CA THR B 39 -5.73 -13.30 40.72
C THR B 39 -4.47 -13.78 40.00
N LEU B 40 -4.44 -13.53 38.69
CA LEU B 40 -3.29 -13.92 37.88
C LEU B 40 -2.04 -13.18 38.32
N SER B 41 -2.19 -11.92 38.72
CA SER B 41 -1.04 -11.15 39.19
C SER B 41 -0.45 -11.75 40.46
N GLN B 42 -1.30 -12.18 41.40
CA GLN B 42 -0.80 -12.80 42.61
C GLN B 42 -0.13 -14.15 42.35
N ILE B 43 -0.44 -14.79 41.22
CA ILE B 43 0.20 -16.06 40.88
C ILE B 43 1.53 -15.84 40.16
N THR B 44 1.58 -14.86 39.26
CA THR B 44 2.79 -14.60 38.48
C THR B 44 3.66 -13.50 39.06
N ASN B 45 3.39 -13.06 40.28
CA ASN B 45 4.19 -12.01 40.88
C ASN B 45 5.63 -12.45 41.12
N ASN B 46 5.86 -13.76 41.27
CA ASN B 46 7.17 -14.26 41.65
C ASN B 46 8.03 -14.72 40.46
N ILE B 47 7.57 -14.55 39.23
CA ILE B 47 8.33 -14.96 38.07
C ILE B 47 9.11 -13.77 37.53
N ASP B 48 10.18 -14.07 36.79
CA ASP B 48 11.08 -13.04 36.28
C ASP B 48 10.43 -12.28 35.12
N PRO B 49 10.52 -10.96 35.11
CA PRO B 49 9.99 -10.19 33.98
C PRO B 49 10.79 -10.45 32.71
N VAL B 50 10.12 -10.24 31.58
CA VAL B 50 10.76 -10.49 30.29
C VAL B 50 11.87 -9.49 30.00
N GLY B 51 11.87 -8.35 30.67
CA GLY B 51 12.81 -7.29 30.36
C GLY B 51 12.38 -6.49 29.15
N ARG B 52 13.22 -5.53 28.77
CA ARG B 52 12.93 -4.71 27.62
C ARG B 52 13.00 -5.54 26.35
N ILE B 53 11.95 -5.41 25.52
CA ILE B 53 11.87 -6.13 24.25
C ILE B 53 12.08 -5.11 23.14
N GLN B 54 13.15 -5.28 22.38
CA GLN B 54 13.51 -4.35 21.31
C GLN B 54 13.34 -5.07 19.98
N MET B 55 12.27 -4.73 19.27
CA MET B 55 12.04 -5.25 17.92
C MET B 55 12.36 -4.16 16.92
N ARG B 56 13.17 -4.50 15.92
CA ARG B 56 13.50 -3.57 14.86
C ARG B 56 12.74 -3.93 13.59
N THR B 57 12.54 -2.92 12.74
CA THR B 57 11.92 -3.16 11.45
C THR B 57 12.89 -3.89 10.53
N ARG B 58 12.45 -5.02 9.99
CA ARG B 58 13.26 -5.80 9.06
C ARG B 58 12.86 -5.59 7.61
N ARG B 59 11.56 -5.47 7.35
CA ARG B 59 11.05 -5.24 6.01
C ARG B 59 9.99 -4.15 6.06
N THR B 60 9.85 -3.44 4.96
CA THR B 60 8.77 -2.46 4.79
C THR B 60 8.18 -2.69 3.41
N LEU B 61 6.89 -3.00 3.36
CA LEU B 61 6.22 -3.43 2.13
C LEU B 61 5.52 -2.24 1.49
N ARG B 62 6.11 -1.71 0.42
CA ARG B 62 5.64 -0.51 -0.26
C ARG B 62 4.98 -0.87 -1.58
N GLY B 63 3.71 -1.24 -1.52
CA GLY B 63 2.92 -1.37 -2.74
C GLY B 63 1.60 -0.63 -2.72
N HIS B 64 1.03 -0.43 -1.53
CA HIS B 64 -0.31 0.09 -1.40
C HIS B 64 -0.32 1.61 -1.43
N LEU B 65 -1.44 2.17 -1.88
CA LEU B 65 -1.57 3.61 -2.05
C LEU B 65 -2.60 4.26 -1.14
N ALA B 66 -3.51 3.49 -0.57
CA ALA B 66 -4.51 3.99 0.37
C ALA B 66 -4.32 3.27 1.70
N LYS B 67 -5.22 3.55 2.64
CA LYS B 67 -5.09 2.99 3.98
C LYS B 67 -5.24 1.47 3.95
N ILE B 68 -4.25 0.78 4.51
CA ILE B 68 -4.36 -0.66 4.71
C ILE B 68 -5.33 -0.93 5.84
N TYR B 69 -6.28 -1.83 5.61
CA TYR B 69 -7.26 -2.17 6.62
C TYR B 69 -7.05 -3.54 7.24
N ALA B 70 -6.60 -4.51 6.47
CA ALA B 70 -6.44 -5.87 6.96
C ALA B 70 -5.16 -6.48 6.42
N MET B 71 -4.65 -7.46 7.17
CA MET B 71 -3.52 -8.26 6.73
C MET B 71 -3.64 -9.63 7.38
N HIS B 72 -3.08 -10.64 6.72
CA HIS B 72 -3.08 -11.98 7.27
C HIS B 72 -1.87 -12.75 6.79
N TRP B 73 -1.26 -13.52 7.68
CA TRP B 73 -0.11 -14.33 7.36
C TRP B 73 -0.52 -15.67 6.77
N GLY B 74 0.37 -16.22 5.94
CA GLY B 74 0.23 -17.59 5.53
C GLY B 74 0.68 -18.58 6.59
N THR B 75 0.25 -19.83 6.43
CA THR B 75 0.71 -20.88 7.32
C THR B 75 2.20 -21.17 7.15
N ASP B 76 2.78 -20.78 6.02
CA ASP B 76 4.19 -20.97 5.76
C ASP B 76 5.09 -19.94 6.42
N SER B 77 4.50 -18.93 7.08
CA SER B 77 5.22 -17.86 7.75
C SER B 77 6.13 -17.08 6.81
N ARG B 78 5.82 -17.10 5.53
CA ARG B 78 6.54 -16.31 4.54
C ARG B 78 5.60 -15.49 3.67
N LEU B 79 4.44 -16.02 3.32
CA LEU B 79 3.47 -15.34 2.48
C LEU B 79 2.44 -14.61 3.34
N LEU B 80 2.07 -13.41 2.90
CA LEU B 80 1.07 -12.63 3.60
C LEU B 80 0.18 -11.93 2.58
N VAL B 81 -1.07 -11.73 2.95
CA VAL B 81 -2.01 -10.98 2.15
C VAL B 81 -2.39 -9.72 2.92
N SER B 82 -2.63 -8.65 2.17
CA SER B 82 -2.99 -7.35 2.74
C SER B 82 -4.15 -6.77 1.94
N ALA B 83 -4.96 -5.96 2.62
CA ALA B 83 -6.12 -5.32 2.03
C ALA B 83 -6.02 -3.81 2.23
N SER B 84 -6.22 -3.06 1.15
CA SER B 84 -6.26 -1.61 1.21
C SER B 84 -7.46 -1.12 0.42
N GLN B 85 -7.92 0.08 0.77
CA GLN B 85 -9.06 0.68 0.09
C GLN B 85 -8.68 1.36 -1.21
N ASP B 86 -7.45 1.16 -1.68
CA ASP B 86 -7.08 1.43 -3.06
C ASP B 86 -7.60 0.37 -4.01
N GLY B 87 -8.29 -0.64 -3.50
CA GLY B 87 -8.96 -1.63 -4.32
C GLY B 87 -8.15 -2.88 -4.63
N LYS B 88 -7.04 -3.11 -3.95
CA LYS B 88 -6.13 -4.19 -4.27
C LYS B 88 -5.91 -5.09 -3.06
N LEU B 89 -5.90 -6.39 -3.30
CA LEU B 89 -5.43 -7.39 -2.35
C LEU B 89 -4.08 -7.88 -2.84
N ILE B 90 -3.03 -7.59 -2.07
CA ILE B 90 -1.66 -7.87 -2.47
C ILE B 90 -1.14 -9.06 -1.67
N ILE B 91 -0.55 -10.03 -2.37
CA ILE B 91 0.12 -11.16 -1.73
C ILE B 91 1.61 -10.88 -1.74
N TRP B 92 2.22 -10.91 -0.56
CA TRP B 92 3.60 -10.48 -0.38
C TRP B 92 4.49 -11.69 -0.09
N ASP B 93 5.70 -11.65 -0.63
CA ASP B 93 6.79 -12.52 -0.21
C ASP B 93 7.61 -11.74 0.82
N SER B 94 7.44 -12.08 2.10
CA SER B 94 8.06 -11.30 3.16
C SER B 94 9.58 -11.37 3.10
N TYR B 95 10.13 -12.53 2.75
CA TYR B 95 11.58 -12.71 2.76
C TYR B 95 12.26 -11.81 1.74
N THR B 96 11.67 -11.66 0.55
CA THR B 96 12.31 -10.95 -0.53
C THR B 96 11.65 -9.61 -0.85
N THR B 97 10.55 -9.27 -0.20
CA THR B 97 9.74 -8.07 -0.44
C THR B 97 9.01 -8.19 -1.79
N ASN B 98 9.21 -9.29 -2.52
CA ASN B 98 8.58 -9.46 -3.82
C ASN B 98 7.06 -9.55 -3.69
N LYS B 99 6.37 -8.94 -4.63
CA LYS B 99 4.91 -9.04 -4.72
C LYS B 99 4.57 -10.24 -5.59
N VAL B 100 3.83 -11.20 -5.02
CA VAL B 100 3.52 -12.45 -5.70
C VAL B 100 2.26 -12.31 -6.55
N HIS B 101 1.20 -11.75 -5.97
CA HIS B 101 -0.05 -11.55 -6.69
C HIS B 101 -0.60 -10.17 -6.36
N ALA B 102 -1.30 -9.59 -7.33
CA ALA B 102 -2.09 -8.38 -7.13
C ALA B 102 -3.49 -8.66 -7.62
N ILE B 103 -4.47 -8.54 -6.73
CA ILE B 103 -5.85 -8.90 -7.01
C ILE B 103 -6.69 -7.62 -7.01
N PRO B 104 -7.27 -7.24 -8.14
CA PRO B 104 -8.20 -6.09 -8.14
C PRO B 104 -9.58 -6.52 -7.64
N LEU B 105 -10.15 -5.69 -6.77
CA LEU B 105 -11.42 -6.01 -6.13
C LEU B 105 -12.55 -5.24 -6.80
N ARG B 106 -13.73 -5.88 -6.87
CA ARG B 106 -14.90 -5.24 -7.45
C ARG B 106 -15.33 -4.04 -6.62
N SER B 107 -15.24 -4.14 -5.29
CA SER B 107 -15.58 -3.06 -4.39
C SER B 107 -14.33 -2.68 -3.60
N SER B 108 -14.00 -1.40 -3.59
CA SER B 108 -12.79 -0.93 -2.94
C SER B 108 -12.93 -0.80 -1.43
N TRP B 109 -14.15 -0.88 -0.90
CA TRP B 109 -14.38 -0.63 0.52
C TRP B 109 -14.17 -1.90 1.35
N VAL B 110 -12.99 -2.49 1.19
CA VAL B 110 -12.62 -3.70 1.92
C VAL B 110 -12.29 -3.35 3.36
N MET B 111 -12.69 -4.22 4.28
CA MET B 111 -12.33 -4.06 5.68
C MET B 111 -11.76 -5.32 6.31
N THR B 112 -11.68 -6.43 5.58
CA THR B 112 -11.10 -7.65 6.11
C THR B 112 -10.54 -8.49 4.97
N CYS B 113 -9.63 -9.38 5.33
CA CYS B 113 -9.06 -10.32 4.38
C CYS B 113 -8.48 -11.49 5.15
N ALA B 114 -8.60 -12.68 4.57
CA ALA B 114 -8.14 -13.90 5.20
C ALA B 114 -7.36 -14.73 4.20
N TYR B 115 -6.50 -15.60 4.72
CA TYR B 115 -5.69 -16.49 3.92
C TYR B 115 -6.02 -17.93 4.32
N ALA B 116 -6.24 -18.79 3.34
CA ALA B 116 -6.57 -20.17 3.65
C ALA B 116 -5.36 -20.89 4.20
N PRO B 117 -5.53 -21.69 5.26
CA PRO B 117 -4.38 -22.44 5.81
C PRO B 117 -3.77 -23.43 4.83
N SER B 118 -4.49 -23.82 3.79
CA SER B 118 -3.90 -24.61 2.73
C SER B 118 -3.03 -23.75 1.82
N GLY B 119 -3.36 -22.47 1.70
CA GLY B 119 -2.64 -21.57 0.82
C GLY B 119 -3.18 -21.44 -0.57
N ASN B 120 -4.38 -21.96 -0.83
CA ASN B 120 -4.96 -21.94 -2.17
C ASN B 120 -6.01 -20.87 -2.36
N TYR B 121 -6.45 -20.20 -1.28
CA TYR B 121 -7.50 -19.21 -1.37
C TYR B 121 -7.19 -18.04 -0.45
N VAL B 122 -7.72 -16.87 -0.81
CA VAL B 122 -7.75 -15.71 0.06
C VAL B 122 -9.17 -15.18 0.11
N ALA B 123 -9.57 -14.70 1.28
CA ALA B 123 -10.91 -14.15 1.47
C ALA B 123 -10.83 -12.63 1.52
N CYS B 124 -11.96 -11.99 1.28
CA CYS B 124 -12.01 -10.54 1.20
C CYS B 124 -13.45 -10.09 1.40
N GLY B 125 -13.64 -8.96 2.08
CA GLY B 125 -14.96 -8.44 2.32
C GLY B 125 -14.91 -7.03 2.87
N GLY B 126 -16.08 -6.41 2.93
CA GLY B 126 -16.17 -5.05 3.43
C GLY B 126 -17.56 -4.45 3.35
N LEU B 127 -17.65 -3.22 2.84
CA LEU B 127 -18.91 -2.47 2.85
C LEU B 127 -19.89 -2.93 1.79
N ASP B 128 -19.51 -3.88 0.92
CA ASP B 128 -20.42 -4.39 -0.10
C ASP B 128 -21.31 -5.51 0.41
N ASN B 129 -21.14 -5.94 1.66
CA ASN B 129 -21.95 -6.98 2.30
C ASN B 129 -21.69 -8.34 1.65
N ILE B 130 -20.47 -8.56 1.21
CA ILE B 130 -20.13 -9.78 0.48
C ILE B 130 -18.75 -10.24 0.91
N CYS B 131 -18.61 -11.56 1.12
CA CYS B 131 -17.31 -12.19 1.28
C CYS B 131 -16.97 -12.87 -0.05
N SER B 132 -15.89 -12.41 -0.69
CA SER B 132 -15.44 -12.96 -1.95
C SER B 132 -14.29 -13.92 -1.73
N ILE B 133 -14.35 -15.06 -2.41
CA ILE B 133 -13.29 -16.06 -2.35
C ILE B 133 -12.50 -15.98 -3.65
N TYR B 134 -11.18 -16.01 -3.54
CA TYR B 134 -10.29 -15.90 -4.68
C TYR B 134 -9.42 -17.16 -4.76
N ASN B 135 -9.39 -17.78 -5.92
CA ASN B 135 -8.57 -18.96 -6.14
C ASN B 135 -7.16 -18.52 -6.54
N LEU B 136 -6.16 -18.98 -5.80
CA LEU B 136 -4.78 -18.66 -6.07
C LEU B 136 -4.08 -19.69 -6.96
N LYS B 137 -4.65 -20.88 -7.09
CA LYS B 137 -4.03 -21.99 -7.80
C LYS B 137 -4.84 -22.38 -9.02
N THR B 138 -5.30 -21.38 -9.77
CA THR B 138 -6.02 -21.65 -11.01
C THR B 138 -5.08 -22.23 -12.06
N ARG B 139 -5.63 -23.12 -12.89
CA ARG B 139 -4.84 -23.71 -13.97
C ARG B 139 -4.57 -22.70 -15.07
N GLU B 140 -5.45 -21.73 -15.24
CA GLU B 140 -5.33 -20.73 -16.30
C GLU B 140 -4.35 -19.61 -15.96
N GLY B 141 -3.56 -19.74 -14.89
CA GLY B 141 -2.66 -18.66 -14.55
C GLY B 141 -3.20 -17.70 -13.50
N ASN B 142 -3.83 -16.62 -13.95
CA ASN B 142 -4.25 -15.51 -13.10
C ASN B 142 -5.15 -15.97 -11.97
N VAL B 143 -5.39 -15.06 -11.03
CA VAL B 143 -6.28 -15.29 -9.90
C VAL B 143 -7.69 -14.85 -10.28
N ARG B 144 -8.67 -15.72 -10.04
CA ARG B 144 -10.05 -15.46 -10.41
C ARG B 144 -10.95 -15.58 -9.19
N VAL B 145 -12.09 -14.88 -9.25
CA VAL B 145 -13.09 -14.97 -8.20
C VAL B 145 -13.73 -16.35 -8.27
N SER B 146 -13.49 -17.18 -7.27
CA SER B 146 -14.10 -18.50 -7.25
C SER B 146 -15.50 -18.47 -6.65
N ARG B 147 -15.75 -17.58 -5.69
CA ARG B 147 -17.03 -17.53 -5.00
C ARG B 147 -17.24 -16.15 -4.40
N GLU B 148 -18.51 -15.76 -4.30
CA GLU B 148 -18.90 -14.52 -3.64
C GLU B 148 -20.04 -14.83 -2.70
N LEU B 149 -19.77 -14.75 -1.39
CA LEU B 149 -20.74 -15.13 -0.37
C LEU B 149 -21.62 -13.91 -0.04
N ALA B 150 -22.92 -14.05 -0.22
CA ALA B 150 -23.86 -12.94 -0.05
C ALA B 150 -25.07 -13.40 0.76
N GLY B 151 -24.99 -13.26 2.08
CA GLY B 151 -26.14 -13.46 2.94
C GLY B 151 -26.26 -12.42 4.03
N HIS B 152 -25.22 -11.62 4.20
CA HIS B 152 -25.19 -10.62 5.25
C HIS B 152 -25.89 -9.35 4.80
N THR B 153 -26.71 -8.79 5.68
CA THR B 153 -27.33 -7.49 5.44
C THR B 153 -26.53 -6.34 6.02
N GLY B 154 -25.39 -6.62 6.65
CA GLY B 154 -24.49 -5.59 7.15
C GLY B 154 -23.06 -5.90 6.72
N TYR B 155 -22.21 -4.91 6.92
CA TYR B 155 -20.86 -4.98 6.36
C TYR B 155 -20.07 -6.12 6.99
N LEU B 156 -19.20 -6.72 6.18
CA LEU B 156 -18.36 -7.83 6.63
C LEU B 156 -17.12 -7.26 7.29
N SER B 157 -16.97 -7.50 8.60
CA SER B 157 -15.85 -6.94 9.35
C SER B 157 -14.68 -7.91 9.50
N CYS B 158 -14.95 -9.22 9.50
CA CYS B 158 -13.90 -10.21 9.60
C CYS B 158 -14.36 -11.50 8.94
N CYS B 159 -13.37 -12.29 8.50
CA CYS B 159 -13.61 -13.63 7.98
C CYS B 159 -12.36 -14.46 8.23
N ARG B 160 -12.56 -15.75 8.53
CA ARG B 160 -11.46 -16.65 8.79
C ARG B 160 -11.77 -18.02 8.19
N PHE B 161 -10.78 -18.61 7.52
CA PHE B 161 -10.94 -19.91 6.92
C PHE B 161 -10.87 -21.00 7.98
N LEU B 162 -11.74 -22.00 7.87
CA LEU B 162 -11.60 -23.23 8.64
C LEU B 162 -10.88 -24.30 7.83
N ASP B 163 -11.24 -24.43 6.56
CA ASP B 163 -10.56 -25.30 5.61
C ASP B 163 -10.80 -24.72 4.22
N ASP B 164 -10.54 -25.51 3.18
CA ASP B 164 -10.76 -25.03 1.82
C ASP B 164 -12.25 -24.84 1.50
N ASN B 165 -13.15 -25.46 2.26
CA ASN B 165 -14.56 -25.48 1.90
C ASN B 165 -15.47 -24.70 2.82
N GLN B 166 -15.03 -24.31 4.00
CA GLN B 166 -15.89 -23.56 4.91
C GLN B 166 -15.13 -22.39 5.54
N ILE B 167 -15.86 -21.31 5.78
CA ILE B 167 -15.30 -20.06 6.25
C ILE B 167 -16.33 -19.41 7.17
N VAL B 168 -15.85 -18.73 8.20
CA VAL B 168 -16.70 -18.06 9.18
C VAL B 168 -16.54 -16.54 9.02
N THR B 169 -17.65 -15.82 8.95
CA THR B 169 -17.66 -14.39 8.75
C THR B 169 -18.43 -13.69 9.86
N SER B 170 -17.89 -12.57 10.33
CA SER B 170 -18.58 -11.67 11.24
C SER B 170 -19.04 -10.44 10.47
N SER B 171 -20.16 -9.86 10.89
CA SER B 171 -20.78 -8.81 10.11
C SER B 171 -21.29 -7.70 11.01
N GLY B 172 -21.45 -6.52 10.41
CA GLY B 172 -22.04 -5.37 11.06
C GLY B 172 -23.54 -5.48 11.26
N ASP B 173 -24.19 -6.48 10.67
CA ASP B 173 -25.59 -6.76 10.95
C ASP B 173 -25.78 -7.56 12.24
N THR B 174 -24.77 -7.56 13.10
CA THR B 174 -24.80 -8.15 14.45
C THR B 174 -24.87 -9.67 14.42
N THR B 175 -24.31 -10.30 13.40
CA THR B 175 -24.36 -11.76 13.30
C THR B 175 -23.02 -12.29 12.82
N CYS B 176 -22.82 -13.58 13.06
CA CYS B 176 -21.71 -14.35 12.51
C CYS B 176 -22.29 -15.50 11.70
N ALA B 177 -21.63 -15.83 10.59
CA ALA B 177 -22.13 -16.85 9.68
C ALA B 177 -21.03 -17.86 9.37
N LEU B 178 -21.43 -19.12 9.21
CA LEU B 178 -20.57 -20.19 8.73
C LEU B 178 -21.06 -20.62 7.36
N TRP B 179 -20.16 -20.64 6.38
CA TRP B 179 -20.52 -20.87 5.00
C TRP B 179 -19.96 -22.19 4.50
N ASP B 180 -20.54 -22.66 3.39
CA ASP B 180 -19.96 -23.72 2.58
C ASP B 180 -19.58 -23.09 1.24
N ILE B 181 -18.29 -23.12 0.91
CA ILE B 181 -17.82 -22.40 -0.27
C ILE B 181 -18.41 -23.00 -1.54
N GLU B 182 -18.57 -24.33 -1.57
CA GLU B 182 -19.06 -24.99 -2.78
C GLU B 182 -20.49 -24.57 -3.10
N THR B 183 -21.38 -24.60 -2.11
CA THR B 183 -22.77 -24.23 -2.32
C THR B 183 -23.02 -22.73 -2.17
N GLY B 184 -22.15 -22.03 -1.45
CA GLY B 184 -22.33 -20.61 -1.23
C GLY B 184 -23.46 -20.27 -0.29
N GLN B 185 -23.80 -21.17 0.63
CA GLN B 185 -24.90 -20.99 1.55
C GLN B 185 -24.41 -20.98 2.99
N GLN B 186 -25.16 -20.30 3.84
CA GLN B 186 -24.85 -20.24 5.27
C GLN B 186 -25.20 -21.56 5.92
N THR B 187 -24.17 -22.35 6.27
CA THR B 187 -24.40 -23.60 6.98
C THR B 187 -24.98 -23.35 8.36
N THR B 188 -24.47 -22.35 9.07
CA THR B 188 -24.92 -22.02 10.41
C THR B 188 -24.87 -20.51 10.59
N THR B 189 -25.78 -20.00 11.42
CA THR B 189 -25.77 -18.61 11.83
C THR B 189 -25.48 -18.54 13.33
N PHE B 190 -24.79 -17.47 13.72
CA PHE B 190 -24.44 -17.25 15.12
C PHE B 190 -25.02 -15.91 15.55
N THR B 191 -26.09 -15.96 16.34
CA THR B 191 -26.82 -14.78 16.77
C THR B 191 -26.82 -14.67 18.28
N GLY B 192 -26.95 -13.44 18.77
CA GLY B 192 -26.92 -13.18 20.19
C GLY B 192 -26.25 -11.86 20.53
N HIS B 193 -25.40 -11.38 19.63
CA HIS B 193 -24.82 -10.06 19.80
C HIS B 193 -25.85 -8.98 19.48
N THR B 194 -25.77 -7.87 20.20
CA THR B 194 -26.67 -6.74 19.99
C THR B 194 -26.00 -5.56 19.32
N GLY B 195 -24.69 -5.65 19.05
CA GLY B 195 -23.99 -4.62 18.31
C GLY B 195 -23.25 -5.21 17.13
N ASP B 196 -22.57 -4.33 16.40
CA ASP B 196 -21.80 -4.75 15.23
C ASP B 196 -20.73 -5.76 15.64
N VAL B 197 -20.76 -6.94 15.04
CA VAL B 197 -19.72 -7.93 15.27
C VAL B 197 -18.48 -7.46 14.50
N MET B 198 -17.47 -6.99 15.23
CA MET B 198 -16.37 -6.24 14.64
C MET B 198 -15.08 -7.02 14.52
N SER B 199 -14.94 -8.16 15.18
CA SER B 199 -13.69 -8.91 15.18
C SER B 199 -14.00 -10.38 15.35
N LEU B 200 -13.03 -11.21 14.97
CA LEU B 200 -13.26 -12.63 14.91
C LEU B 200 -11.94 -13.37 15.00
N SER B 201 -11.91 -14.46 15.77
CA SER B 201 -10.74 -15.33 15.80
C SER B 201 -11.19 -16.75 16.07
N LEU B 202 -10.48 -17.70 15.46
CA LEU B 202 -10.80 -19.12 15.53
C LEU B 202 -9.76 -19.84 16.38
N ALA B 203 -10.22 -20.84 17.13
CA ALA B 203 -9.35 -21.59 18.03
C ALA B 203 -8.37 -22.46 17.25
N PRO B 204 -7.25 -22.84 17.88
CA PRO B 204 -6.24 -23.66 17.17
C PRO B 204 -6.77 -24.97 16.64
N ASP B 205 -7.78 -25.57 17.27
CA ASP B 205 -8.38 -26.80 16.76
C ASP B 205 -9.58 -26.54 15.86
N THR B 206 -9.94 -25.26 15.65
CA THR B 206 -10.99 -24.83 14.73
C THR B 206 -12.36 -25.41 15.07
N ARG B 207 -12.55 -25.91 16.28
CA ARG B 207 -13.85 -26.41 16.70
C ARG B 207 -14.71 -25.36 17.38
N LEU B 208 -14.16 -24.17 17.63
CA LEU B 208 -14.89 -23.10 18.29
C LEU B 208 -14.18 -21.78 18.00
N PHE B 209 -14.92 -20.69 18.14
CA PHE B 209 -14.38 -19.37 17.85
C PHE B 209 -15.01 -18.32 18.76
N VAL B 210 -14.24 -17.25 19.02
CA VAL B 210 -14.69 -16.13 19.83
C VAL B 210 -14.83 -14.91 18.93
N SER B 211 -15.85 -14.10 19.25
CA SER B 211 -16.12 -12.87 18.51
C SER B 211 -16.36 -11.73 19.49
N GLY B 212 -15.91 -10.54 19.11
CA GLY B 212 -16.15 -9.34 19.89
C GLY B 212 -16.92 -8.29 19.13
N ALA B 213 -18.09 -7.92 19.63
CA ALA B 213 -18.97 -6.98 18.95
C ALA B 213 -18.94 -5.62 19.62
N CYS B 214 -19.80 -4.72 19.15
CA CYS B 214 -19.87 -3.36 19.65
C CYS B 214 -20.75 -3.22 20.87
N ASP B 215 -21.36 -4.30 21.33
CA ASP B 215 -22.11 -4.30 22.59
C ASP B 215 -21.19 -4.48 23.80
N ALA B 216 -19.89 -4.26 23.63
CA ALA B 216 -18.90 -4.39 24.69
C ALA B 216 -18.92 -5.78 25.32
N SER B 217 -19.11 -6.80 24.48
CA SER B 217 -19.15 -8.17 24.94
C SER B 217 -18.46 -9.07 23.92
N ALA B 218 -18.00 -10.22 24.40
CA ALA B 218 -17.42 -11.24 23.55
C ALA B 218 -18.09 -12.57 23.85
N LYS B 219 -18.40 -13.33 22.80
CA LYS B 219 -19.11 -14.58 22.92
C LYS B 219 -18.24 -15.73 22.42
N LEU B 220 -18.46 -16.90 23.00
CA LEU B 220 -17.75 -18.12 22.66
C LEU B 220 -18.71 -19.05 21.92
N TRP B 221 -18.56 -19.16 20.61
CA TRP B 221 -19.37 -20.04 19.77
C TRP B 221 -18.61 -21.31 19.45
N ASP B 222 -19.36 -22.35 19.10
CA ASP B 222 -18.81 -23.56 18.51
C ASP B 222 -19.45 -23.80 17.15
N VAL B 223 -18.63 -24.17 16.17
CA VAL B 223 -19.10 -24.24 14.80
C VAL B 223 -20.05 -25.43 14.60
N ARG B 224 -19.85 -26.52 15.33
CA ARG B 224 -20.62 -27.73 15.08
C ARG B 224 -22.08 -27.56 15.46
N GLU B 225 -22.34 -27.04 16.67
CA GLU B 225 -23.70 -26.88 17.15
C GLU B 225 -24.29 -25.51 16.85
N GLY B 226 -23.45 -24.51 16.59
CA GLY B 226 -23.94 -23.18 16.29
C GLY B 226 -24.63 -22.48 17.44
N MET B 227 -24.15 -22.66 18.66
CA MET B 227 -24.73 -22.04 19.85
C MET B 227 -23.64 -21.27 20.58
N CYS B 228 -24.08 -20.35 21.43
CA CYS B 228 -23.17 -19.59 22.28
C CYS B 228 -22.93 -20.34 23.58
N ARG B 229 -21.66 -20.57 23.90
CA ARG B 229 -21.30 -21.27 25.12
C ARG B 229 -21.16 -20.31 26.31
N GLN B 230 -20.37 -19.26 26.15
CA GLN B 230 -20.13 -18.31 27.22
C GLN B 230 -20.09 -16.89 26.66
N THR B 231 -20.43 -15.93 27.51
CA THR B 231 -20.38 -14.51 27.18
C THR B 231 -19.44 -13.83 28.17
N PHE B 232 -18.55 -12.99 27.65
CA PHE B 232 -17.54 -12.31 28.46
C PHE B 232 -17.73 -10.81 28.32
N THR B 233 -18.09 -10.15 29.41
CA THR B 233 -18.31 -8.70 29.42
C THR B 233 -17.47 -8.09 30.54
N GLY B 234 -16.35 -7.46 30.17
CA GLY B 234 -15.58 -6.69 31.11
C GLY B 234 -15.26 -5.30 30.61
N HIS B 235 -15.33 -5.12 29.29
CA HIS B 235 -14.97 -3.87 28.66
C HIS B 235 -16.08 -2.82 28.83
N GLU B 236 -15.72 -1.56 28.55
CA GLU B 236 -16.65 -0.46 28.65
C GLU B 236 -17.06 0.10 27.29
N SER B 237 -16.30 -0.17 26.24
CA SER B 237 -16.63 0.30 24.91
C SER B 237 -16.61 -0.84 23.90
N ASP B 238 -16.69 -0.51 22.62
CA ASP B 238 -16.80 -1.53 21.59
C ASP B 238 -15.48 -2.30 21.44
N ILE B 239 -15.58 -3.63 21.42
CA ILE B 239 -14.41 -4.49 21.23
C ILE B 239 -14.06 -4.51 19.76
N ASN B 240 -12.81 -4.18 19.44
CA ASN B 240 -12.36 -4.07 18.05
C ASN B 240 -11.48 -5.21 17.61
N ALA B 241 -10.76 -5.85 18.53
CA ALA B 241 -9.85 -6.93 18.22
C ALA B 241 -10.04 -8.07 19.23
N ILE B 242 -9.72 -9.29 18.79
CA ILE B 242 -9.86 -10.48 19.62
C ILE B 242 -8.87 -11.53 19.13
N CYS B 243 -8.34 -12.33 20.06
CA CYS B 243 -7.34 -13.32 19.74
C CYS B 243 -7.29 -14.38 20.83
N PHE B 244 -7.20 -15.65 20.44
CA PHE B 244 -6.92 -16.75 21.37
C PHE B 244 -5.47 -16.81 21.81
N PHE B 245 -5.30 -17.28 23.03
CA PHE B 245 -4.02 -17.75 23.54
C PHE B 245 -3.60 -19.00 22.76
N PRO B 246 -2.29 -19.25 22.66
CA PRO B 246 -1.84 -20.42 21.90
C PRO B 246 -2.39 -21.75 22.39
N ASN B 247 -2.67 -21.90 23.69
CA ASN B 247 -3.22 -23.14 24.19
C ASN B 247 -4.70 -23.30 23.87
N GLY B 248 -5.39 -22.23 23.51
CA GLY B 248 -6.81 -22.28 23.26
C GLY B 248 -7.70 -22.18 24.48
N ASN B 249 -7.10 -22.08 25.68
CA ASN B 249 -7.87 -22.01 26.92
C ASN B 249 -8.08 -20.58 27.40
N ALA B 250 -7.63 -19.58 26.63
CA ALA B 250 -7.81 -18.19 27.00
C ALA B 250 -7.79 -17.36 25.73
N PHE B 251 -8.26 -16.12 25.85
CA PHE B 251 -8.22 -15.20 24.73
C PHE B 251 -8.11 -13.77 25.26
N ALA B 252 -7.65 -12.88 24.40
CA ALA B 252 -7.50 -11.46 24.70
C ALA B 252 -8.37 -10.63 23.76
N THR B 253 -8.74 -9.45 24.21
CA THR B 253 -9.59 -8.55 23.44
C THR B 253 -9.04 -7.13 23.49
N GLY B 254 -9.37 -6.34 22.49
CA GLY B 254 -9.04 -4.93 22.48
C GLY B 254 -10.26 -4.09 22.17
N SER B 255 -10.40 -2.99 22.90
CA SER B 255 -11.60 -2.17 22.84
C SER B 255 -11.23 -0.72 22.56
N ASP B 256 -12.27 0.09 22.38
CA ASP B 256 -12.13 1.53 22.26
C ASP B 256 -11.91 2.21 23.62
N ASP B 257 -12.10 1.48 24.71
CA ASP B 257 -11.84 1.96 26.05
C ASP B 257 -10.36 2.04 26.38
N ALA B 258 -9.48 1.85 25.40
CA ALA B 258 -8.04 1.96 25.54
C ALA B 258 -7.45 0.91 26.49
N THR B 259 -8.08 -0.26 26.57
CA THR B 259 -7.60 -1.33 27.41
C THR B 259 -7.61 -2.65 26.63
N CYS B 260 -6.72 -3.55 27.05
CA CYS B 260 -6.76 -4.94 26.63
C CYS B 260 -7.04 -5.80 27.85
N ARG B 261 -7.84 -6.85 27.66
CA ARG B 261 -8.16 -7.76 28.75
C ARG B 261 -7.96 -9.19 28.30
N LEU B 262 -7.54 -10.04 29.24
CA LEU B 262 -7.36 -11.46 29.03
C LEU B 262 -8.48 -12.20 29.73
N PHE B 263 -9.11 -13.15 29.04
CA PHE B 263 -10.22 -13.92 29.57
C PHE B 263 -9.87 -15.40 29.51
N ASP B 264 -10.17 -16.11 30.60
CA ASP B 264 -10.03 -17.56 30.64
C ASP B 264 -11.36 -18.20 30.26
N LEU B 265 -11.30 -19.20 29.37
CA LEU B 265 -12.50 -19.96 29.05
C LEU B 265 -12.95 -20.82 30.23
N ARG B 266 -12.02 -21.51 30.87
CA ARG B 266 -12.40 -22.45 31.93
C ARG B 266 -12.73 -21.75 33.24
N ALA B 267 -12.30 -20.51 33.42
CA ALA B 267 -12.65 -19.72 34.60
C ALA B 267 -13.80 -18.75 34.34
N ASP B 268 -14.14 -18.51 33.08
CA ASP B 268 -15.36 -17.79 32.68
C ASP B 268 -15.34 -16.32 33.12
N GLN B 269 -14.18 -15.70 33.17
CA GLN B 269 -14.11 -14.28 33.52
C GLN B 269 -12.74 -13.73 33.12
N GLU B 270 -12.55 -12.45 33.38
CA GLU B 270 -11.31 -11.77 33.01
C GLU B 270 -10.19 -12.13 33.99
N LEU B 271 -8.98 -12.26 33.45
CA LEU B 271 -7.80 -12.56 34.25
C LEU B 271 -6.92 -11.33 34.49
N MET B 272 -6.67 -10.54 33.45
CA MET B 272 -5.78 -9.39 33.55
C MET B 272 -6.30 -8.27 32.68
N THR B 273 -5.88 -7.06 33.01
CA THR B 273 -6.17 -5.87 32.20
C THR B 273 -4.84 -5.21 31.83
N TYR B 274 -4.72 -4.79 30.58
CA TYR B 274 -3.50 -4.20 30.06
C TYR B 274 -3.81 -2.76 29.67
N SER B 275 -3.34 -1.82 30.48
CA SER B 275 -3.60 -0.40 30.22
C SER B 275 -2.57 0.43 30.96
N HIS B 276 -2.46 1.69 30.54
CA HIS B 276 -1.64 2.66 31.26
C HIS B 276 -2.36 4.00 31.21
N ASP B 277 -2.00 4.88 32.15
CA ASP B 277 -2.74 6.12 32.32
C ASP B 277 -2.65 7.01 31.08
N ASN B 278 -1.47 7.09 30.46
CA ASN B 278 -1.28 7.95 29.30
C ASN B 278 -1.64 7.27 27.98
N ILE B 279 -2.38 6.17 28.03
CA ILE B 279 -2.86 5.50 26.83
C ILE B 279 -4.34 5.84 26.68
N ILE B 280 -4.66 6.63 25.66
CA ILE B 280 -6.02 7.10 25.44
C ILE B 280 -6.66 6.52 24.19
N CYS B 281 -5.89 6.33 23.12
CA CYS B 281 -6.44 5.82 21.87
C CYS B 281 -6.96 4.40 22.04
N GLY B 282 -7.93 4.05 21.20
CA GLY B 282 -8.45 2.70 21.20
C GLY B 282 -7.52 1.71 20.52
N ILE B 283 -7.73 0.44 20.82
CA ILE B 283 -6.96 -0.64 20.23
C ILE B 283 -7.66 -1.13 18.98
N THR B 284 -6.91 -1.21 17.88
CA THR B 284 -7.41 -1.67 16.60
C THR B 284 -7.10 -3.13 16.32
N SER B 285 -6.03 -3.65 16.90
CA SER B 285 -5.56 -4.99 16.62
C SER B 285 -4.88 -5.56 17.87
N VAL B 286 -4.88 -6.88 17.98
CA VAL B 286 -4.29 -7.57 19.11
C VAL B 286 -3.86 -8.96 18.67
N SER B 287 -2.71 -9.40 19.16
CA SER B 287 -2.18 -10.71 18.79
C SER B 287 -1.30 -11.22 19.92
N PHE B 288 -1.01 -12.51 19.87
CA PHE B 288 -0.19 -13.17 20.86
C PHE B 288 1.12 -13.62 20.25
N SER B 289 2.11 -13.81 21.11
CA SER B 289 3.39 -14.40 20.74
C SER B 289 3.21 -15.90 20.55
N LYS B 290 4.27 -16.58 20.13
CA LYS B 290 4.18 -18.02 19.91
C LYS B 290 3.91 -18.76 21.22
N SER B 291 4.57 -18.35 22.30
CA SER B 291 4.35 -18.97 23.61
C SER B 291 3.23 -18.31 24.40
N GLY B 292 2.72 -17.18 23.94
CA GLY B 292 1.71 -16.45 24.66
C GLY B 292 2.22 -15.48 25.70
N ARG B 293 3.53 -15.47 25.95
CA ARG B 293 4.08 -14.59 26.98
C ARG B 293 3.97 -13.13 26.59
N LEU B 294 4.00 -12.82 25.30
CA LEU B 294 3.91 -11.46 24.81
C LEU B 294 2.55 -11.23 24.15
N LEU B 295 1.92 -10.13 24.52
CA LEU B 295 0.67 -9.68 23.91
C LEU B 295 0.94 -8.37 23.18
N LEU B 296 0.72 -8.37 21.87
CA LEU B 296 1.04 -7.23 21.03
C LEU B 296 -0.24 -6.63 20.46
N ALA B 297 -0.42 -5.34 20.67
CA ALA B 297 -1.66 -4.64 20.32
C ALA B 297 -1.37 -3.41 19.50
N GLY B 298 -2.19 -3.20 18.46
CA GLY B 298 -2.13 -1.96 17.69
C GLY B 298 -3.06 -0.91 18.25
N TYR B 299 -2.68 0.36 18.05
CA TYR B 299 -3.38 1.47 18.68
C TYR B 299 -3.69 2.54 17.64
N ASP B 300 -4.72 3.33 17.93
CA ASP B 300 -5.02 4.49 17.11
C ASP B 300 -4.00 5.60 17.30
N ASP B 301 -3.19 5.54 18.38
CA ASP B 301 -2.18 6.53 18.67
C ASP B 301 -0.88 6.28 17.90
N PHE B 302 -0.97 5.52 16.82
CA PHE B 302 0.00 5.33 15.73
C PHE B 302 1.05 4.30 16.11
N ASN B 303 0.95 3.67 17.29
CA ASN B 303 2.00 2.80 17.79
C ASN B 303 1.46 1.41 18.07
N CYS B 304 2.37 0.51 18.42
CA CYS B 304 2.05 -0.84 18.85
C CYS B 304 2.78 -1.13 20.16
N ASN B 305 2.02 -1.53 21.19
CA ASN B 305 2.57 -1.77 22.52
C ASN B 305 2.74 -3.26 22.75
N VAL B 306 3.87 -3.64 23.32
CA VAL B 306 4.15 -5.03 23.69
C VAL B 306 3.85 -5.19 25.17
N TRP B 307 3.01 -6.16 25.51
CA TRP B 307 2.61 -6.41 26.88
C TRP B 307 3.14 -7.75 27.35
N ASP B 308 3.51 -7.81 28.62
CA ASP B 308 3.80 -9.08 29.27
C ASP B 308 2.46 -9.65 29.73
N ALA B 309 2.02 -10.73 29.07
CA ALA B 309 0.68 -11.25 29.31
C ALA B 309 0.52 -11.78 30.72
N LEU B 310 1.59 -12.28 31.34
CA LEU B 310 1.50 -12.80 32.69
C LEU B 310 1.69 -11.75 33.77
N LYS B 311 2.28 -10.61 33.43
CA LYS B 311 2.56 -9.56 34.41
C LYS B 311 1.86 -8.25 34.12
N ALA B 312 1.27 -8.07 32.94
CA ALA B 312 0.54 -6.85 32.56
C ALA B 312 1.44 -5.63 32.63
N ASP B 313 2.69 -5.77 32.18
CA ASP B 313 3.64 -4.67 32.13
C ASP B 313 4.06 -4.44 30.68
N ARG B 314 4.22 -3.17 30.31
CA ARG B 314 4.70 -2.84 28.99
C ARG B 314 6.14 -3.27 28.84
N ALA B 315 6.44 -4.01 27.77
CA ALA B 315 7.77 -4.55 27.55
C ALA B 315 8.46 -3.96 26.34
N GLY B 316 7.76 -3.18 25.53
CA GLY B 316 8.36 -2.59 24.35
C GLY B 316 7.33 -1.87 23.54
N VAL B 317 7.81 -1.08 22.59
CA VAL B 317 6.97 -0.28 21.70
C VAL B 317 7.44 -0.48 20.27
N LEU B 318 6.49 -0.74 19.37
CA LEU B 318 6.76 -0.76 17.93
C LEU B 318 6.34 0.60 17.36
N ALA B 319 7.26 1.56 17.44
CA ALA B 319 7.08 2.85 16.82
C ALA B 319 7.73 2.86 15.45
N GLY B 320 7.14 3.60 14.52
CA GLY B 320 7.57 3.50 13.14
C GLY B 320 6.45 3.48 12.13
N HIS B 321 5.24 3.84 12.54
CA HIS B 321 4.13 4.03 11.63
C HIS B 321 3.63 5.46 11.75
N ASP B 322 3.28 6.06 10.62
CA ASP B 322 2.90 7.47 10.58
C ASP B 322 1.40 7.70 10.68
N ASN B 323 0.60 6.64 10.66
CA ASN B 323 -0.84 6.77 10.82
C ASN B 323 -1.31 5.58 11.67
N ARG B 324 -2.63 5.41 11.74
CA ARG B 324 -3.22 4.45 12.67
C ARG B 324 -2.81 3.03 12.32
N VAL B 325 -2.34 2.30 13.34
CA VAL B 325 -2.02 0.89 13.17
C VAL B 325 -3.35 0.13 13.06
N SER B 326 -3.63 -0.38 11.87
CA SER B 326 -4.93 -0.97 11.57
C SER B 326 -4.97 -2.46 11.84
N CYS B 327 -3.86 -3.16 11.59
CA CYS B 327 -3.83 -4.60 11.64
C CYS B 327 -2.45 -5.07 12.09
N LEU B 328 -2.41 -6.26 12.69
CA LEU B 328 -1.17 -6.83 13.19
C LEU B 328 -1.32 -8.34 13.28
N GLY B 329 -0.32 -9.07 12.77
CA GLY B 329 -0.32 -10.51 12.88
C GLY B 329 1.04 -11.11 13.14
N VAL B 330 1.08 -12.19 13.91
CA VAL B 330 2.32 -12.90 14.22
C VAL B 330 2.34 -14.19 13.41
N THR B 331 3.52 -14.53 12.87
CA THR B 331 3.67 -15.73 12.07
C THR B 331 3.47 -16.99 12.90
N ASP B 332 3.21 -18.10 12.21
CA ASP B 332 2.94 -19.36 12.90
C ASP B 332 4.17 -19.90 13.60
N ASP B 333 5.36 -19.64 13.07
CA ASP B 333 6.58 -20.09 13.74
C ASP B 333 7.08 -19.09 14.77
N GLY B 334 6.48 -17.90 14.86
CA GLY B 334 6.88 -16.91 15.84
C GLY B 334 8.09 -16.09 15.49
N MET B 335 8.57 -16.16 14.24
CA MET B 335 9.79 -15.45 13.88
C MET B 335 9.58 -13.94 13.77
N ALA B 336 8.40 -13.51 13.32
CA ALA B 336 8.19 -12.10 13.05
C ALA B 336 6.76 -11.70 13.34
N VAL B 337 6.54 -10.40 13.43
CA VAL B 337 5.23 -9.79 13.54
C VAL B 337 5.09 -8.74 12.44
N ALA B 338 3.92 -8.72 11.81
CA ALA B 338 3.63 -7.73 10.78
C ALA B 338 2.63 -6.72 11.32
N THR B 339 2.85 -5.45 11.01
CA THR B 339 1.90 -4.39 11.31
C THR B 339 1.54 -3.66 10.01
N GLY B 340 0.25 -3.47 9.79
CA GLY B 340 -0.23 -2.62 8.73
C GLY B 340 -0.77 -1.33 9.29
N SER B 341 -0.91 -0.31 8.47
CA SER B 341 -1.26 1.00 8.98
C SER B 341 -2.01 1.80 7.94
N TRP B 342 -2.62 2.89 8.40
CA TRP B 342 -3.33 3.83 7.53
C TRP B 342 -2.38 4.68 6.70
N ASP B 343 -1.09 4.66 6.99
CA ASP B 343 -0.11 5.32 6.14
C ASP B 343 0.23 4.53 4.89
N SER B 344 -0.47 3.40 4.67
CA SER B 344 -0.34 2.57 3.47
C SER B 344 0.98 1.80 3.45
N PHE B 345 1.43 1.36 4.62
CA PHE B 345 2.70 0.67 4.72
C PHE B 345 2.56 -0.56 5.61
N LEU B 346 3.21 -1.65 5.20
CA LEU B 346 3.27 -2.86 6.00
C LEU B 346 4.70 -3.06 6.47
N LYS B 347 4.87 -3.19 7.77
CA LYS B 347 6.19 -3.33 8.38
C LYS B 347 6.32 -4.70 9.03
N ILE B 348 7.50 -5.29 8.90
CA ILE B 348 7.83 -6.57 9.54
C ILE B 348 8.81 -6.29 10.66
N TRP B 349 8.48 -6.75 11.85
CA TRP B 349 9.29 -6.51 13.04
C TRP B 349 9.79 -7.84 13.59
N ASN B 350 10.95 -7.80 14.23
CA ASN B 350 11.58 -9.01 14.72
C ASN B 350 12.52 -8.66 15.86
N ALA C 7 -43.72 -11.32 20.06
CA ALA C 7 -42.58 -10.51 19.62
C ALA C 7 -41.51 -10.45 20.70
N SER C 8 -41.71 -9.59 21.70
CA SER C 8 -40.75 -9.46 22.78
C SER C 8 -40.79 -10.66 23.71
N ILE C 9 -41.92 -11.35 23.78
CA ILE C 9 -42.03 -12.52 24.65
C ILE C 9 -41.09 -13.63 24.17
N ALA C 10 -41.07 -13.88 22.87
CA ALA C 10 -40.17 -14.90 22.33
C ALA C 10 -38.72 -14.52 22.54
N GLN C 11 -38.38 -13.24 22.35
CA GLN C 11 -37.02 -12.79 22.58
C GLN C 11 -36.61 -12.96 24.04
N ALA C 12 -37.51 -12.63 24.97
CA ALA C 12 -37.21 -12.81 26.39
C ALA C 12 -37.05 -14.28 26.73
N ARG C 13 -37.89 -15.14 26.17
CA ARG C 13 -37.76 -16.58 26.42
C ARG C 13 -36.43 -17.11 25.90
N LYS C 14 -36.03 -16.69 24.69
CA LYS C 14 -34.74 -17.09 24.17
C LYS C 14 -33.60 -16.57 25.04
N LEU C 15 -33.72 -15.33 25.51
CA LEU C 15 -32.68 -14.75 26.36
C LEU C 15 -32.53 -15.53 27.67
N VAL C 16 -33.65 -15.86 28.31
CA VAL C 16 -33.56 -16.57 29.59
C VAL C 16 -33.07 -17.99 29.36
N GLU C 17 -33.44 -18.61 28.24
CA GLU C 17 -32.92 -19.95 27.93
C GLU C 17 -31.41 -19.91 27.72
N GLN C 18 -30.91 -18.89 27.00
CA GLN C 18 -29.47 -18.77 26.79
C GLN C 18 -28.74 -18.49 28.10
N LEU C 19 -29.33 -17.66 28.96
CA LEU C 19 -28.72 -17.41 30.26
C LEU C 19 -28.68 -18.67 31.12
N LYS C 20 -29.75 -19.48 31.08
CA LYS C 20 -29.74 -20.75 31.81
C LYS C 20 -28.66 -21.67 31.27
N MET C 21 -28.52 -21.73 29.95
CA MET C 21 -27.48 -22.57 29.35
C MET C 21 -26.09 -22.11 29.76
N GLU C 22 -25.87 -20.79 29.78
CA GLU C 22 -24.54 -20.27 30.13
C GLU C 22 -24.26 -20.42 31.62
N ALA C 23 -25.30 -20.38 32.47
CA ALA C 23 -25.13 -20.55 33.90
C ALA C 23 -24.86 -21.99 34.31
N ASN C 24 -25.04 -22.95 33.41
CA ASN C 24 -24.90 -24.38 33.72
C ASN C 24 -23.57 -24.94 33.24
N ILE C 25 -22.50 -24.14 33.27
CA ILE C 25 -21.19 -24.55 32.80
C ILE C 25 -20.26 -24.71 34.01
N ASP C 26 -19.56 -25.83 34.07
CA ASP C 26 -18.64 -26.08 35.18
C ASP C 26 -17.46 -25.12 35.10
N ARG C 27 -17.09 -24.56 36.25
CA ARG C 27 -16.06 -23.52 36.32
C ARG C 27 -14.97 -23.96 37.28
N ILE C 28 -13.72 -23.86 36.85
CA ILE C 28 -12.58 -24.20 37.69
C ILE C 28 -12.11 -22.94 38.42
N LYS C 29 -11.28 -23.15 39.43
CA LYS C 29 -10.72 -22.02 40.18
C LYS C 29 -9.80 -21.20 39.27
N VAL C 30 -9.82 -19.88 39.49
CA VAL C 30 -9.03 -18.98 38.64
C VAL C 30 -7.55 -19.20 38.85
N SER C 31 -7.14 -19.50 40.08
CA SER C 31 -5.71 -19.76 40.33
C SER C 31 -5.21 -20.94 39.51
N LYS C 32 -6.05 -21.97 39.36
CA LYS C 32 -5.69 -23.11 38.52
C LYS C 32 -5.50 -22.67 37.06
N ALA C 33 -6.40 -21.83 36.55
CA ALA C 33 -6.28 -21.36 35.18
C ALA C 33 -5.02 -20.53 34.98
N ALA C 34 -4.71 -19.66 35.94
CA ALA C 34 -3.50 -18.86 35.87
C ALA C 34 -2.26 -19.73 35.90
N ALA C 35 -2.26 -20.76 36.76
CA ALA C 35 -1.14 -21.69 36.80
C ALA C 35 -0.99 -22.43 35.48
N ASP C 36 -2.11 -22.81 34.87
CA ASP C 36 -2.04 -23.48 33.57
C ASP C 36 -1.45 -22.57 32.50
N LEU C 37 -1.86 -21.30 32.47
CA LEU C 37 -1.29 -20.35 31.53
C LEU C 37 0.20 -20.17 31.76
N MET C 38 0.60 -20.03 33.02
CA MET C 38 2.01 -19.85 33.36
C MET C 38 2.83 -21.07 32.97
N ALA C 39 2.29 -22.26 33.21
CA ALA C 39 3.00 -23.49 32.82
C ALA C 39 3.13 -23.59 31.30
N TYR C 40 2.07 -23.25 30.56
CA TYR C 40 2.16 -23.27 29.11
C TYR C 40 3.22 -22.30 28.61
N CYS C 41 3.25 -21.10 29.18
CA CYS C 41 4.25 -20.12 28.76
C CYS C 41 5.66 -20.58 29.09
N GLU C 42 5.83 -21.25 30.24
CA GLU C 42 7.15 -21.72 30.63
C GLU C 42 7.61 -22.88 29.74
N ALA C 43 6.71 -23.79 29.40
CA ALA C 43 7.10 -24.96 28.62
C ALA C 43 7.45 -24.60 27.19
N HIS C 44 6.91 -23.49 26.67
CA HIS C 44 7.14 -23.07 25.30
C HIS C 44 8.05 -21.86 25.21
N ALA C 45 8.67 -21.45 26.32
CA ALA C 45 9.47 -20.24 26.34
C ALA C 45 10.68 -20.34 25.42
N LYS C 46 11.35 -21.51 25.42
CA LYS C 46 12.61 -21.64 24.70
C LYS C 46 12.41 -21.55 23.19
N GLU C 47 11.25 -21.95 22.68
CA GLU C 47 11.01 -22.00 21.25
C GLU C 47 10.27 -20.78 20.73
N ASP C 48 10.14 -19.72 21.53
CA ASP C 48 9.48 -18.49 21.10
C ASP C 48 10.53 -17.46 20.72
N PRO C 49 10.59 -17.06 19.44
CA PRO C 49 11.66 -16.16 19.01
C PRO C 49 11.46 -14.68 19.35
N LEU C 50 10.31 -14.27 19.85
CA LEU C 50 10.10 -12.84 20.05
C LEU C 50 10.60 -12.34 21.40
N LEU C 51 10.45 -13.11 22.48
CA LEU C 51 10.99 -12.63 23.74
C LEU C 51 12.48 -12.92 23.86
N THR C 52 12.98 -13.96 23.19
CA THR C 52 14.40 -14.23 23.15
C THR C 52 14.93 -13.85 21.78
N PRO C 53 15.76 -12.81 21.66
CA PRO C 53 16.26 -12.40 20.33
C PRO C 53 17.12 -13.47 19.68
N VAL C 54 16.62 -14.03 18.58
CA VAL C 54 17.32 -15.08 17.85
C VAL C 54 18.54 -14.49 17.16
N PRO C 55 19.69 -15.18 17.14
CA PRO C 55 20.85 -14.65 16.44
C PRO C 55 20.60 -14.53 14.94
N ALA C 56 21.39 -13.67 14.29
CA ALA C 56 21.21 -13.39 12.87
C ALA C 56 21.44 -14.62 12.01
N SER C 57 22.07 -15.66 12.53
CA SER C 57 22.26 -16.88 11.76
C SER C 57 20.93 -17.55 11.45
N GLU C 58 20.00 -17.55 12.41
CA GLU C 58 18.73 -18.24 12.27
C GLU C 58 17.56 -17.29 12.01
N ASN C 59 17.84 -16.05 11.63
CA ASN C 59 16.78 -15.09 11.37
C ASN C 59 16.54 -14.98 9.88
N PRO C 60 15.40 -15.45 9.36
CA PRO C 60 15.11 -15.28 7.93
C PRO C 60 14.82 -13.84 7.52
N PHE C 61 14.89 -12.89 8.45
CA PHE C 61 14.73 -11.48 8.14
C PHE C 61 15.99 -10.67 8.43
N ARG C 62 17.13 -11.35 8.48
CA ARG C 62 18.42 -10.69 8.70
C ARG C 62 18.80 -9.83 7.50
N ASP D 1 -10.05 -25.28 -21.96
CA ASP D 1 -8.89 -25.99 -21.43
C ASP D 1 -7.61 -25.34 -21.95
N VAL D 2 -6.52 -25.51 -21.20
CA VAL D 2 -5.24 -24.90 -21.58
C VAL D 2 -4.70 -25.61 -22.82
N GLN D 3 -4.44 -24.84 -23.87
CA GLN D 3 -3.98 -25.36 -25.14
C GLN D 3 -2.73 -24.62 -25.61
N LEU D 4 -1.88 -25.34 -26.35
CA LEU D 4 -0.69 -24.75 -26.95
C LEU D 4 -0.45 -25.51 -28.26
N VAL D 5 -0.87 -24.90 -29.37
CA VAL D 5 -0.80 -25.53 -30.69
C VAL D 5 0.28 -24.81 -31.50
N GLU D 6 1.18 -25.59 -32.09
CA GLU D 6 2.32 -25.06 -32.80
C GLU D 6 2.22 -25.40 -34.29
N SER D 7 2.74 -24.52 -35.13
CA SER D 7 2.65 -24.72 -36.57
C SER D 7 3.81 -24.02 -37.26
N GLY D 8 4.03 -24.40 -38.52
CA GLY D 8 5.04 -23.80 -39.36
C GLY D 8 6.16 -24.71 -39.80
N GLY D 9 6.13 -25.99 -39.44
CA GLY D 9 7.19 -26.91 -39.78
C GLY D 9 6.99 -27.60 -41.12
N GLY D 10 8.09 -28.05 -41.70
CA GLY D 10 8.04 -28.78 -42.96
C GLY D 10 9.43 -29.02 -43.50
N LEU D 11 9.46 -29.49 -44.74
CA LEU D 11 10.72 -29.69 -45.45
C LEU D 11 11.37 -28.35 -45.75
N VAL D 12 12.63 -28.20 -45.36
CA VAL D 12 13.33 -26.92 -45.44
C VAL D 12 14.65 -27.15 -46.16
N GLN D 13 14.92 -26.33 -47.17
CA GLN D 13 16.23 -26.35 -47.80
C GLN D 13 17.27 -25.79 -46.84
N PRO D 14 18.48 -26.34 -46.85
CA PRO D 14 19.52 -25.86 -45.92
C PRO D 14 19.86 -24.41 -46.16
N GLY D 15 20.12 -23.69 -45.08
CA GLY D 15 20.47 -22.29 -45.15
C GLY D 15 19.31 -21.33 -45.27
N GLY D 16 18.09 -21.83 -45.34
CA GLY D 16 16.93 -20.98 -45.50
C GLY D 16 16.44 -20.42 -44.18
N SER D 17 15.21 -19.92 -44.21
CA SER D 17 14.57 -19.37 -43.02
C SER D 17 13.12 -19.86 -42.95
N ARG D 18 12.65 -20.05 -41.72
CA ARG D 18 11.28 -20.49 -41.45
C ARG D 18 10.87 -19.93 -40.11
N LYS D 19 9.57 -19.69 -39.96
CA LYS D 19 9.02 -19.08 -38.76
C LYS D 19 8.07 -20.05 -38.10
N LEU D 20 8.30 -20.32 -36.82
CA LEU D 20 7.43 -21.18 -36.02
C LEU D 20 6.53 -20.32 -35.15
N SER D 21 5.28 -20.75 -35.01
CA SER D 21 4.28 -20.04 -34.23
C SER D 21 3.74 -20.96 -33.13
N CYS D 22 3.27 -20.34 -32.05
CA CYS D 22 2.74 -21.05 -30.90
C CYS D 22 1.47 -20.33 -30.46
N SER D 23 0.32 -20.80 -30.95
CA SER D 23 -0.95 -20.18 -30.63
C SER D 23 -1.44 -20.67 -29.27
N ALA D 24 -1.76 -19.74 -28.38
CA ALA D 24 -2.11 -20.05 -27.00
C ALA D 24 -3.59 -19.80 -26.75
N SER D 25 -4.19 -20.65 -25.93
CA SER D 25 -5.57 -20.48 -25.53
C SER D 25 -5.78 -21.17 -24.19
N GLY D 26 -6.84 -20.76 -23.49
CA GLY D 26 -7.23 -21.37 -22.25
C GLY D 26 -6.53 -20.85 -21.02
N PHE D 27 -5.57 -19.95 -21.16
CA PHE D 27 -4.86 -19.42 -20.01
C PHE D 27 -4.38 -18.01 -20.32
N ALA D 28 -3.99 -17.29 -19.26
CA ALA D 28 -3.50 -15.94 -19.40
C ALA D 28 -2.10 -15.95 -20.01
N PHE D 29 -2.02 -15.82 -21.33
CA PHE D 29 -0.74 -15.94 -22.02
C PHE D 29 0.24 -14.85 -21.62
N SER D 30 -0.25 -13.65 -21.32
CA SER D 30 0.64 -12.50 -21.10
C SER D 30 1.45 -12.65 -19.82
N SER D 31 0.93 -13.39 -18.84
CA SER D 31 1.59 -13.51 -17.54
C SER D 31 2.55 -14.70 -17.47
N PHE D 32 2.73 -15.42 -18.56
CA PHE D 32 3.61 -16.59 -18.59
C PHE D 32 4.84 -16.31 -19.45
N GLY D 33 5.98 -16.81 -19.01
CA GLY D 33 7.14 -16.86 -19.86
C GLY D 33 7.11 -18.09 -20.76
N MET D 34 7.64 -17.92 -21.96
CA MET D 34 7.58 -18.97 -22.97
C MET D 34 8.97 -19.49 -23.29
N HIS D 35 9.05 -20.80 -23.53
CA HIS D 35 10.28 -21.47 -23.92
C HIS D 35 10.06 -22.23 -25.22
N TRP D 36 11.15 -22.41 -25.96
CA TRP D 36 11.18 -23.30 -27.10
C TRP D 36 12.11 -24.46 -26.75
N VAL D 37 11.61 -25.69 -26.89
CA VAL D 37 12.39 -26.89 -26.63
C VAL D 37 12.25 -27.81 -27.83
N ARG D 38 13.38 -28.28 -28.34
CA ARG D 38 13.40 -29.11 -29.53
C ARG D 38 13.96 -30.49 -29.20
N GLN D 39 13.58 -31.48 -30.00
CA GLN D 39 13.98 -32.87 -29.76
C GLN D 39 14.35 -33.48 -31.10
N ALA D 40 15.64 -33.79 -31.28
CA ALA D 40 16.08 -34.48 -32.48
C ALA D 40 15.48 -35.89 -32.52
N PRO D 41 15.28 -36.44 -33.72
CA PRO D 41 14.62 -37.75 -33.82
C PRO D 41 15.31 -38.85 -33.04
N GLU D 42 16.64 -38.82 -32.93
CA GLU D 42 17.38 -39.83 -32.20
C GLU D 42 17.93 -39.33 -30.87
N LYS D 43 17.74 -38.05 -30.55
CA LYS D 43 18.27 -37.46 -29.33
C LYS D 43 17.14 -37.11 -28.37
N GLY D 44 17.49 -36.47 -27.26
CA GLY D 44 16.55 -36.06 -26.25
C GLY D 44 16.19 -34.59 -26.35
N LEU D 45 15.66 -34.07 -25.24
CA LEU D 45 15.23 -32.67 -25.21
C LEU D 45 16.43 -31.73 -25.22
N GLU D 46 16.24 -30.56 -25.83
CA GLU D 46 17.28 -29.54 -25.88
C GLU D 46 16.63 -28.17 -25.82
N TRP D 47 16.96 -27.42 -24.77
CA TRP D 47 16.42 -26.07 -24.61
C TRP D 47 16.95 -25.16 -25.71
N VAL D 48 16.10 -24.25 -26.19
CA VAL D 48 16.44 -23.43 -27.34
C VAL D 48 16.44 -21.95 -26.97
N ALA D 49 15.28 -21.45 -26.52
CA ALA D 49 15.15 -20.02 -26.28
C ALA D 49 14.07 -19.78 -25.23
N TYR D 50 14.10 -18.58 -24.67
CA TYR D 50 13.15 -18.20 -23.63
C TYR D 50 12.85 -16.71 -23.77
N ILE D 51 11.58 -16.36 -23.68
CA ILE D 51 11.14 -14.97 -23.61
C ILE D 51 10.31 -14.81 -22.35
N SER D 52 10.61 -13.77 -21.57
CA SER D 52 9.95 -13.59 -20.29
C SER D 52 8.57 -12.99 -20.47
N SER D 53 7.81 -12.97 -19.37
CA SER D 53 6.53 -12.29 -19.35
C SER D 53 6.77 -10.78 -19.41
N GLY D 54 6.22 -10.13 -20.43
CA GLY D 54 6.50 -8.74 -20.69
C GLY D 54 7.65 -8.48 -21.65
N SER D 55 8.30 -9.53 -22.16
CA SER D 55 9.39 -9.47 -23.12
C SER D 55 10.63 -8.77 -22.57
N GLY D 56 10.71 -8.57 -21.26
CA GLY D 56 11.86 -7.87 -20.70
C GLY D 56 13.15 -8.64 -20.83
N THR D 57 13.10 -9.96 -20.69
CA THR D 57 14.29 -10.79 -20.69
C THR D 57 14.16 -11.88 -21.75
N ILE D 58 15.22 -12.08 -22.52
CA ILE D 58 15.26 -13.06 -23.60
C ILE D 58 16.57 -13.82 -23.51
N TYR D 59 16.52 -15.14 -23.69
CA TYR D 59 17.69 -15.99 -23.64
C TYR D 59 17.72 -16.91 -24.85
N TYR D 60 18.92 -17.29 -25.27
CA TYR D 60 19.12 -18.22 -26.37
C TYR D 60 20.16 -19.25 -26.00
N ALA D 61 20.13 -20.38 -26.69
CA ALA D 61 21.16 -21.39 -26.54
C ALA D 61 22.43 -20.95 -27.27
N ASP D 62 23.54 -21.61 -26.95
CA ASP D 62 24.83 -21.25 -27.54
C ASP D 62 24.85 -21.55 -29.04
N THR D 63 24.30 -22.68 -29.45
CA THR D 63 24.24 -23.04 -30.87
C THR D 63 23.08 -22.37 -31.59
N VAL D 64 22.39 -21.45 -30.94
CA VAL D 64 21.17 -20.87 -31.45
C VAL D 64 21.30 -19.35 -31.53
N LYS D 65 22.15 -18.78 -30.67
CA LYS D 65 22.27 -17.34 -30.55
C LYS D 65 22.76 -16.72 -31.85
N GLY D 66 22.10 -15.63 -32.26
CA GLY D 66 22.43 -14.93 -33.47
C GLY D 66 21.69 -15.40 -34.70
N ARG D 67 21.21 -16.65 -34.69
CA ARG D 67 20.51 -17.21 -35.83
C ARG D 67 19.00 -17.30 -35.62
N PHE D 68 18.54 -17.45 -34.38
CA PHE D 68 17.13 -17.52 -34.06
C PHE D 68 16.69 -16.25 -33.36
N THR D 69 15.39 -15.99 -33.39
CA THR D 69 14.80 -14.86 -32.69
C THR D 69 13.48 -15.31 -32.07
N ILE D 70 13.26 -14.90 -30.81
CA ILE D 70 12.06 -15.25 -30.07
C ILE D 70 11.24 -13.98 -29.83
N SER D 71 9.97 -14.03 -30.18
CA SER D 71 9.06 -12.92 -29.99
C SER D 71 7.68 -13.45 -29.61
N ARG D 72 6.88 -12.60 -28.97
CA ARG D 72 5.56 -13.01 -28.53
C ARG D 72 4.51 -11.93 -28.79
N LYS D 76 -2.88 -11.07 -29.38
CA LYS D 76 -2.95 -12.19 -30.32
C LYS D 76 -2.71 -13.52 -29.61
N ASN D 77 -2.13 -13.46 -28.40
CA ASN D 77 -1.89 -14.64 -27.57
C ASN D 77 -1.07 -15.69 -28.31
N THR D 78 0.06 -15.26 -28.85
CA THR D 78 0.87 -16.14 -29.68
C THR D 78 2.35 -15.87 -29.44
N LEU D 79 3.16 -16.91 -29.67
CA LEU D 79 4.61 -16.83 -29.54
C LEU D 79 5.25 -17.28 -30.83
N PHE D 80 6.34 -16.61 -31.20
CA PHE D 80 7.00 -16.85 -32.47
C PHE D 80 8.44 -17.31 -32.26
N LEU D 81 8.95 -18.03 -33.26
CA LEU D 81 10.35 -18.43 -33.30
C LEU D 81 10.84 -18.22 -34.73
N GLN D 82 11.43 -17.05 -34.98
CA GLN D 82 12.00 -16.75 -36.28
C GLN D 82 13.39 -17.33 -36.37
N MET D 83 13.60 -18.27 -37.29
CA MET D 83 14.86 -18.98 -37.43
C MET D 83 15.46 -18.69 -38.79
N THR D 84 16.76 -18.35 -38.81
CA THR D 84 17.46 -18.02 -40.03
C THR D 84 18.73 -18.88 -40.13
N SER D 85 19.19 -19.06 -41.37
CA SER D 85 20.42 -19.79 -41.65
C SER D 85 20.39 -21.20 -41.05
N LEU D 86 19.31 -21.92 -41.35
CA LEU D 86 19.11 -23.23 -40.76
C LEU D 86 20.14 -24.23 -41.25
N ARG D 87 20.67 -25.02 -40.33
CA ARG D 87 21.63 -26.08 -40.61
C ARG D 87 20.94 -27.44 -40.53
N SER D 88 21.67 -28.47 -40.94
CA SER D 88 21.15 -29.83 -40.85
C SER D 88 20.99 -30.31 -39.43
N GLU D 89 21.62 -29.65 -38.46
CA GLU D 89 21.52 -30.01 -37.05
C GLU D 89 20.28 -29.42 -36.39
N ASP D 90 19.44 -28.73 -37.15
CA ASP D 90 18.22 -28.12 -36.64
C ASP D 90 16.99 -28.99 -36.86
N THR D 91 17.16 -30.20 -37.39
CA THR D 91 16.04 -31.10 -37.63
C THR D 91 15.55 -31.64 -36.30
N ALA D 92 14.34 -31.22 -35.90
CA ALA D 92 13.82 -31.61 -34.59
C ALA D 92 12.33 -31.30 -34.55
N MET D 93 11.65 -31.92 -33.58
CA MET D 93 10.30 -31.53 -33.22
C MET D 93 10.38 -30.45 -32.16
N TYR D 94 9.80 -29.30 -32.43
CA TYR D 94 9.94 -28.13 -31.58
C TYR D 94 8.71 -27.98 -30.69
N TYR D 95 8.94 -27.71 -29.40
CA TYR D 95 7.88 -27.60 -28.42
C TYR D 95 7.82 -26.19 -27.86
N CYS D 96 6.60 -25.78 -27.51
CA CYS D 96 6.32 -24.51 -26.85
C CYS D 96 5.89 -24.79 -25.42
N VAL D 97 6.49 -24.09 -24.46
CA VAL D 97 6.33 -24.37 -23.04
C VAL D 97 5.98 -23.07 -22.33
N ARG D 98 5.01 -23.12 -21.42
CA ARG D 98 4.66 -21.98 -20.56
C ARG D 98 5.28 -22.19 -19.18
N SER D 99 5.95 -21.16 -18.68
CA SER D 99 6.81 -21.26 -17.51
C SER D 99 6.68 -20.06 -16.55
N ILE D 100 5.47 -19.79 -16.07
CA ILE D 100 5.27 -18.71 -15.10
C ILE D 100 6.22 -18.87 -13.91
N TYR D 101 6.65 -17.74 -13.33
CA TYR D 101 7.67 -17.72 -12.27
C TYR D 101 7.24 -16.83 -11.13
N TYR D 102 6.99 -17.44 -9.97
CA TYR D 102 6.85 -16.72 -8.71
C TYR D 102 7.08 -17.71 -7.58
N TYR D 103 7.10 -17.20 -6.35
CA TYR D 103 7.39 -18.06 -5.21
C TYR D 103 6.34 -19.15 -5.10
N GLY D 104 6.78 -20.40 -5.11
CA GLY D 104 5.89 -21.54 -5.01
C GLY D 104 5.30 -21.99 -6.33
N SER D 105 5.55 -21.28 -7.42
CA SER D 105 4.97 -21.63 -8.70
C SER D 105 5.64 -22.88 -9.28
N SER D 106 5.02 -23.41 -10.33
CA SER D 106 5.46 -24.65 -10.98
C SER D 106 5.79 -24.36 -12.43
N PRO D 107 7.05 -24.04 -12.74
CA PRO D 107 7.42 -23.78 -14.13
C PRO D 107 7.45 -25.05 -14.97
N PHE D 108 7.36 -24.85 -16.28
CA PHE D 108 7.43 -25.92 -17.27
C PHE D 108 6.31 -26.94 -17.08
N ASP D 109 5.12 -26.46 -16.71
CA ASP D 109 4.04 -27.37 -16.38
C ASP D 109 3.26 -27.86 -17.60
N PHE D 110 3.22 -27.07 -18.67
CA PHE D 110 2.46 -27.45 -19.86
C PHE D 110 3.34 -27.34 -21.10
N TRP D 111 3.26 -28.36 -21.95
CA TRP D 111 4.01 -28.42 -23.19
C TRP D 111 3.04 -28.51 -24.36
N GLY D 112 3.47 -28.02 -25.52
CA GLY D 112 2.65 -28.07 -26.70
C GLY D 112 2.67 -29.43 -27.38
N GLN D 113 1.98 -29.51 -28.51
CA GLN D 113 1.89 -30.77 -29.24
C GLN D 113 3.15 -31.05 -30.05
N GLY D 114 3.87 -30.03 -30.45
CA GLY D 114 5.12 -30.22 -31.18
C GLY D 114 4.94 -29.99 -32.67
N THR D 115 5.97 -29.44 -33.30
CA THR D 115 5.98 -29.21 -34.74
C THR D 115 7.26 -29.80 -35.32
N THR D 116 7.10 -30.85 -36.12
CA THR D 116 8.23 -31.54 -36.71
C THR D 116 8.74 -30.76 -37.91
N LEU D 117 10.00 -30.32 -37.84
CA LEU D 117 10.66 -29.60 -38.91
C LEU D 117 11.90 -30.36 -39.35
N THR D 118 12.04 -30.57 -40.65
CA THR D 118 13.16 -31.30 -41.21
C THR D 118 13.89 -30.43 -42.21
N VAL D 119 15.22 -30.50 -42.19
CA VAL D 119 16.09 -29.73 -43.07
C VAL D 119 16.94 -30.72 -43.85
N SER D 120 16.91 -30.62 -45.18
CA SER D 120 17.67 -31.51 -46.03
C SER D 120 19.15 -31.17 -46.04
N GLY D 135 30.68 -24.40 -22.83
CA GLY D 135 31.83 -24.87 -22.07
C GLY D 135 31.62 -24.86 -20.58
N SER D 136 31.09 -23.75 -20.07
CA SER D 136 30.81 -23.60 -18.65
C SER D 136 29.40 -24.03 -18.27
N ASP D 137 28.67 -24.63 -19.22
CA ASP D 137 27.31 -25.07 -18.95
C ASP D 137 27.28 -26.20 -17.94
N ILE D 138 26.22 -26.23 -17.13
CA ILE D 138 26.01 -27.34 -16.22
C ILE D 138 25.67 -28.59 -17.02
N VAL D 139 26.34 -29.69 -16.72
CA VAL D 139 26.15 -30.96 -17.41
C VAL D 139 25.22 -31.82 -16.58
N MET D 140 24.14 -32.29 -17.20
CA MET D 140 23.18 -33.21 -16.58
C MET D 140 23.41 -34.59 -17.20
N THR D 141 23.92 -35.51 -16.40
CA THR D 141 24.24 -36.85 -16.88
C THR D 141 23.34 -37.89 -16.23
N GLN D 142 22.74 -38.74 -17.06
CA GLN D 142 21.97 -39.88 -16.61
C GLN D 142 22.76 -41.13 -16.97
N ALA D 143 23.30 -41.81 -15.96
CA ALA D 143 24.19 -42.94 -16.21
C ALA D 143 23.48 -44.06 -16.96
N THR D 144 22.25 -44.37 -16.57
CA THR D 144 21.50 -45.45 -17.19
C THR D 144 20.59 -44.89 -18.28
N SER D 145 20.68 -45.49 -19.47
CA SER D 145 19.85 -45.06 -20.60
C SER D 145 18.61 -45.93 -20.79
N SER D 146 18.61 -47.15 -20.27
CA SER D 146 17.46 -48.04 -20.42
C SER D 146 17.45 -49.01 -19.25
N VAL D 147 16.25 -49.31 -18.76
CA VAL D 147 16.09 -50.24 -17.65
C VAL D 147 14.89 -51.16 -17.92
N PRO D 148 15.04 -52.46 -17.72
CA PRO D 148 13.88 -53.36 -17.83
C PRO D 148 13.08 -53.37 -16.54
N VAL D 149 11.76 -53.33 -16.69
CA VAL D 149 10.87 -53.22 -15.53
C VAL D 149 9.52 -53.84 -15.88
N THR D 150 8.87 -54.40 -14.85
CA THR D 150 7.57 -55.06 -14.94
C THR D 150 6.53 -54.28 -14.14
N PRO D 151 5.26 -54.36 -14.52
CA PRO D 151 4.22 -53.64 -13.77
C PRO D 151 4.14 -54.11 -12.33
N GLY D 152 3.85 -53.16 -11.44
CA GLY D 152 3.69 -53.45 -10.03
C GLY D 152 4.96 -53.42 -9.21
N GLU D 153 6.11 -53.23 -9.83
CA GLU D 153 7.38 -53.19 -9.13
C GLU D 153 7.79 -51.75 -8.85
N SER D 154 8.96 -51.59 -8.23
CA SER D 154 9.51 -50.29 -7.89
C SER D 154 10.77 -50.05 -8.70
N VAL D 155 10.83 -48.90 -9.37
CA VAL D 155 11.97 -48.52 -10.20
C VAL D 155 12.46 -47.15 -9.75
N SER D 156 13.77 -46.97 -9.74
CA SER D 156 14.39 -45.70 -9.39
C SER D 156 15.29 -45.25 -10.53
N ILE D 157 15.13 -44.00 -10.95
CA ILE D 157 15.94 -43.40 -12.00
C ILE D 157 16.74 -42.26 -11.39
N SER D 158 18.04 -42.24 -11.66
CA SER D 158 18.95 -41.30 -11.03
C SER D 158 19.73 -40.52 -12.08
N CYS D 159 20.08 -39.28 -11.73
CA CYS D 159 20.98 -38.49 -12.57
C CYS D 159 21.80 -37.56 -11.68
N ARG D 160 22.92 -37.11 -12.24
CA ARG D 160 23.88 -36.27 -11.54
C ARG D 160 24.06 -34.95 -12.28
N SER D 161 24.58 -33.97 -11.57
CA SER D 161 24.91 -32.67 -12.13
C SER D 161 26.35 -32.32 -11.80
N SER D 162 27.06 -31.76 -12.77
CA SER D 162 28.46 -31.38 -12.55
C SER D 162 28.58 -30.34 -11.44
N LYS D 163 27.68 -29.36 -11.44
CA LYS D 163 27.65 -28.33 -10.42
C LYS D 163 26.47 -28.57 -9.49
N SER D 164 26.62 -28.15 -8.23
CA SER D 164 25.55 -28.32 -7.26
C SER D 164 24.34 -27.48 -7.65
N LEU D 165 23.16 -28.09 -7.56
CA LEU D 165 21.91 -27.42 -7.88
C LEU D 165 21.26 -26.79 -6.67
N LEU D 166 21.82 -26.96 -5.47
CA LEU D 166 21.27 -26.34 -4.28
C LEU D 166 21.73 -24.90 -4.19
N HIS D 167 20.79 -24.00 -3.93
CA HIS D 167 21.06 -22.57 -3.88
C HIS D 167 21.13 -22.09 -2.43
N SER D 168 21.52 -20.84 -2.27
CA SER D 168 21.61 -20.23 -0.94
C SER D 168 20.24 -20.11 -0.29
N ASN D 169 19.17 -20.04 -1.09
CA ASN D 169 17.83 -19.89 -0.55
C ASN D 169 17.18 -21.23 -0.18
N GLY D 170 17.91 -22.33 -0.31
CA GLY D 170 17.40 -23.63 0.06
C GLY D 170 16.68 -24.37 -1.04
N ASN D 171 16.49 -23.75 -2.20
CA ASN D 171 15.84 -24.41 -3.32
C ASN D 171 16.87 -25.10 -4.19
N THR D 172 16.65 -26.38 -4.48
CA THR D 172 17.44 -27.11 -5.45
C THR D 172 16.64 -27.28 -6.72
N TYR D 173 17.23 -26.89 -7.85
CA TYR D 173 16.50 -26.72 -9.10
C TYR D 173 16.74 -27.92 -10.01
N LEU D 174 16.06 -29.02 -9.69
CA LEU D 174 16.01 -30.19 -10.55
C LEU D 174 14.56 -30.44 -10.95
N TYR D 175 14.35 -30.70 -12.22
CA TYR D 175 13.01 -30.93 -12.76
C TYR D 175 12.97 -32.29 -13.43
N TRP D 176 11.86 -32.99 -13.27
CA TRP D 176 11.67 -34.28 -13.90
C TRP D 176 10.54 -34.17 -14.93
N PHE D 177 10.78 -34.76 -16.10
CA PHE D 177 9.81 -34.77 -17.18
C PHE D 177 9.61 -36.19 -17.68
N LEU D 178 8.37 -36.52 -18.00
CA LEU D 178 8.01 -37.82 -18.54
C LEU D 178 7.49 -37.63 -19.95
N GLN D 179 8.02 -38.41 -20.89
CA GLN D 179 7.57 -38.37 -22.28
C GLN D 179 7.13 -39.77 -22.69
N ARG D 180 5.82 -39.98 -22.75
CA ARG D 180 5.27 -41.22 -23.23
C ARG D 180 5.49 -41.34 -24.74
N PRO D 181 5.53 -42.56 -25.27
CA PRO D 181 5.69 -42.72 -26.72
C PRO D 181 4.53 -42.06 -27.48
N GLY D 182 4.88 -41.16 -28.39
CA GLY D 182 3.91 -40.48 -29.21
C GLY D 182 3.32 -39.21 -28.63
N GLN D 183 3.67 -38.85 -27.40
CA GLN D 183 3.14 -37.66 -26.76
C GLN D 183 4.26 -36.70 -26.39
N SER D 184 3.86 -35.50 -25.97
CA SER D 184 4.78 -34.47 -25.55
C SER D 184 5.24 -34.70 -24.12
N PRO D 185 6.37 -34.11 -23.73
CA PRO D 185 6.81 -34.23 -22.34
C PRO D 185 5.79 -33.63 -21.37
N GLN D 186 5.70 -34.24 -20.20
CA GLN D 186 4.82 -33.77 -19.13
C GLN D 186 5.62 -33.60 -17.86
N LEU D 187 5.40 -32.48 -17.17
CA LEU D 187 6.11 -32.22 -15.92
C LEU D 187 5.63 -33.17 -14.84
N LEU D 188 6.56 -33.77 -14.11
CA LEU D 188 6.27 -34.67 -13.01
C LEU D 188 6.71 -34.12 -11.67
N ILE D 189 7.98 -33.75 -11.54
CA ILE D 189 8.54 -33.19 -10.31
C ILE D 189 9.24 -31.89 -10.67
N TYR D 190 8.95 -30.83 -9.90
CA TYR D 190 9.60 -29.55 -10.10
C TYR D 190 10.34 -29.16 -8.82
N ARG D 191 11.55 -28.63 -9.00
CA ARG D 191 12.46 -28.29 -7.90
C ARG D 191 12.76 -29.49 -7.02
N MET D 192 12.79 -30.68 -7.64
CA MET D 192 13.43 -31.89 -7.11
C MET D 192 12.67 -32.55 -5.96
N SER D 193 11.64 -31.90 -5.43
CA SER D 193 10.85 -32.52 -4.36
C SER D 193 9.36 -32.34 -4.50
N ASN D 194 8.88 -31.41 -5.32
CA ASN D 194 7.48 -31.03 -5.35
C ASN D 194 6.76 -31.77 -6.47
N LEU D 195 5.60 -32.32 -6.15
CA LEU D 195 4.83 -33.08 -7.13
C LEU D 195 3.96 -32.14 -7.94
N ALA D 196 3.99 -32.29 -9.26
CA ALA D 196 3.21 -31.42 -10.13
C ALA D 196 1.73 -31.77 -10.05
N SER D 197 0.90 -30.78 -10.38
CA SER D 197 -0.55 -30.95 -10.30
C SER D 197 -1.02 -32.01 -11.29
N GLY D 198 -1.84 -32.93 -10.80
CA GLY D 198 -2.38 -34.00 -11.60
C GLY D 198 -1.53 -35.26 -11.65
N VAL D 199 -0.27 -35.17 -11.25
CA VAL D 199 0.61 -36.35 -11.27
C VAL D 199 0.24 -37.27 -10.12
N PRO D 200 0.15 -38.59 -10.34
CA PRO D 200 -0.19 -39.49 -9.24
C PRO D 200 0.82 -39.44 -8.12
N ASP D 201 0.35 -39.73 -6.90
CA ASP D 201 1.18 -39.70 -5.71
C ASP D 201 2.28 -40.75 -5.70
N ARG D 202 2.23 -41.71 -6.62
CA ARG D 202 3.25 -42.75 -6.68
C ARG D 202 4.63 -42.17 -7.00
N PHE D 203 4.68 -41.08 -7.76
CA PHE D 203 5.94 -40.45 -8.11
C PHE D 203 6.51 -39.69 -6.93
N SER D 204 7.80 -39.91 -6.66
CA SER D 204 8.50 -39.23 -5.58
C SER D 204 9.89 -38.83 -6.05
N GLY D 205 10.31 -37.64 -5.65
CA GLY D 205 11.62 -37.13 -6.01
C GLY D 205 12.44 -36.78 -4.79
N SER D 206 13.71 -37.16 -4.81
CA SER D 206 14.63 -36.84 -3.72
C SER D 206 16.03 -36.67 -4.30
N GLY D 207 16.86 -35.94 -3.57
CA GLY D 207 18.22 -35.70 -4.01
C GLY D 207 18.97 -34.91 -2.95
N SER D 208 20.27 -34.75 -3.19
CA SER D 208 21.13 -34.03 -2.24
C SER D 208 22.26 -33.38 -3.02
N GLY D 209 22.04 -32.11 -3.40
CA GLY D 209 23.09 -31.30 -3.99
C GLY D 209 23.40 -31.60 -5.44
N THR D 210 24.05 -32.75 -5.69
CA THR D 210 24.46 -33.13 -7.03
C THR D 210 23.86 -34.44 -7.52
N ALA D 211 23.41 -35.32 -6.62
CA ALA D 211 22.82 -36.58 -7.01
C ALA D 211 21.32 -36.53 -6.75
N PHE D 212 20.53 -36.89 -7.76
CA PHE D 212 19.08 -36.86 -7.66
C PHE D 212 18.52 -38.17 -8.17
N THR D 213 17.42 -38.60 -7.58
CA THR D 213 16.76 -39.83 -7.98
C THR D 213 15.25 -39.61 -8.06
N LEU D 214 14.63 -40.31 -8.99
CA LEU D 214 13.18 -40.32 -9.15
C LEU D 214 12.69 -41.74 -8.85
N THR D 215 11.94 -41.89 -7.76
CA THR D 215 11.47 -43.19 -7.30
C THR D 215 10.00 -43.33 -7.62
N ILE D 216 9.63 -44.46 -8.23
CA ILE D 216 8.25 -44.76 -8.58
C ILE D 216 7.84 -46.02 -7.84
N SER D 217 6.70 -45.96 -7.17
CA SER D 217 6.13 -47.11 -6.47
C SER D 217 4.90 -47.60 -7.21
N ARG D 218 4.79 -48.92 -7.36
CA ARG D 218 3.66 -49.56 -8.03
C ARG D 218 3.53 -49.05 -9.48
N LEU D 219 4.52 -49.42 -10.29
CA LEU D 219 4.53 -49.02 -11.69
C LEU D 219 3.28 -49.49 -12.41
N GLU D 220 2.74 -48.62 -13.26
CA GLU D 220 1.60 -48.93 -14.10
C GLU D 220 2.02 -48.88 -15.57
N ALA D 221 1.08 -49.25 -16.45
CA ALA D 221 1.37 -49.24 -17.88
C ALA D 221 1.46 -47.82 -18.44
N GLU D 222 0.89 -46.84 -17.75
CA GLU D 222 0.93 -45.46 -18.20
C GLU D 222 2.21 -44.74 -17.82
N ASP D 223 3.11 -45.38 -17.09
CA ASP D 223 4.38 -44.79 -16.68
C ASP D 223 5.53 -45.22 -17.58
N VAL D 224 5.25 -45.86 -18.71
CA VAL D 224 6.29 -46.31 -19.62
C VAL D 224 6.67 -45.16 -20.55
N GLY D 225 7.96 -44.84 -20.61
CA GLY D 225 8.41 -43.76 -21.46
C GLY D 225 9.88 -43.45 -21.22
N VAL D 226 10.25 -42.20 -21.49
CA VAL D 226 11.60 -41.71 -21.27
C VAL D 226 11.53 -40.61 -20.23
N TYR D 227 12.43 -40.66 -19.25
CA TYR D 227 12.44 -39.72 -18.13
C TYR D 227 13.64 -38.79 -18.29
N TYR D 228 13.37 -37.49 -18.27
CA TYR D 228 14.38 -36.46 -18.43
C TYR D 228 14.46 -35.64 -17.16
N CYS D 229 15.67 -35.37 -16.69
CA CYS D 229 15.89 -34.46 -15.57
C CYS D 229 16.55 -33.19 -16.07
N MET D 230 15.99 -32.05 -15.67
CA MET D 230 16.39 -30.74 -16.20
C MET D 230 16.72 -29.81 -15.04
N GLN D 231 17.78 -29.03 -15.20
CA GLN D 231 18.19 -28.06 -14.20
C GLN D 231 17.76 -26.66 -14.59
N HIS D 232 17.33 -25.89 -13.59
CA HIS D 232 16.90 -24.52 -13.81
C HIS D 232 17.69 -23.54 -12.94
N LEU D 233 18.88 -23.95 -12.48
CA LEU D 233 19.69 -23.07 -11.65
C LEU D 233 20.22 -21.89 -12.44
N GLU D 234 20.62 -22.10 -13.68
CA GLU D 234 21.17 -21.02 -14.48
C GLU D 234 20.99 -21.33 -15.95
N TYR D 235 20.81 -20.29 -16.75
CA TYR D 235 20.75 -20.46 -18.19
C TYR D 235 22.15 -20.72 -18.75
N PRO D 236 22.28 -21.56 -19.77
CA PRO D 236 21.22 -22.25 -20.51
C PRO D 236 20.65 -23.44 -19.75
N LEU D 237 19.35 -23.70 -19.87
CA LEU D 237 18.77 -24.87 -19.24
C LEU D 237 19.21 -26.13 -19.97
N THR D 238 19.55 -27.16 -19.21
CA THR D 238 20.15 -28.37 -19.77
C THR D 238 19.36 -29.59 -19.30
N PHE D 239 19.23 -30.57 -20.18
CA PHE D 239 18.55 -31.82 -19.90
C PHE D 239 19.56 -32.95 -19.80
N GLY D 240 19.12 -34.04 -19.18
CA GLY D 240 19.90 -35.26 -19.15
C GLY D 240 19.81 -36.01 -20.46
N ALA D 241 20.55 -37.13 -20.53
CA ALA D 241 20.55 -37.94 -21.74
C ALA D 241 19.17 -38.52 -22.02
N GLY D 242 18.45 -38.92 -20.97
CA GLY D 242 17.15 -39.52 -21.13
C GLY D 242 17.16 -41.00 -20.79
N THR D 243 16.52 -41.36 -19.68
CA THR D 243 16.43 -42.75 -19.25
C THR D 243 15.08 -43.31 -19.67
N LYS D 244 15.11 -44.43 -20.37
CA LYS D 244 13.91 -45.05 -20.93
C LYS D 244 13.53 -46.28 -20.10
N LEU D 245 12.28 -46.34 -19.68
CA LEU D 245 11.73 -47.51 -19.01
C LEU D 245 10.75 -48.18 -19.96
N GLU D 246 11.00 -49.45 -20.26
CA GLU D 246 10.18 -50.21 -21.19
C GLU D 246 9.52 -51.38 -20.46
N LEU D 247 8.33 -51.75 -20.94
CA LEU D 247 7.59 -52.83 -20.32
C LEU D 247 8.31 -54.16 -20.51
N LYS D 248 8.23 -55.00 -19.49
CA LYS D 248 8.86 -56.33 -19.49
C LYS D 248 10.36 -56.24 -19.76
N GLU E 76 39.86 45.57 4.69
CA GLU E 76 38.88 45.39 3.63
C GLU E 76 37.51 45.02 4.19
N PRO E 77 36.72 46.03 4.55
CA PRO E 77 35.38 45.77 5.11
C PRO E 77 34.50 44.94 4.18
N PRO E 78 34.52 45.17 2.86
CA PRO E 78 33.71 44.30 1.99
C PRO E 78 34.07 42.82 2.09
N VAL E 79 35.36 42.51 2.19
CA VAL E 79 35.78 41.10 2.26
C VAL E 79 35.30 40.48 3.56
N ILE E 80 35.45 41.19 4.67
CA ILE E 80 34.98 40.68 5.97
C ILE E 80 33.47 40.49 5.94
N LEU E 81 32.75 41.44 5.36
CA LEU E 81 31.29 41.33 5.27
C LEU E 81 30.88 40.13 4.44
N SER E 82 31.54 39.92 3.29
CA SER E 82 31.22 38.77 2.46
C SER E 82 31.53 37.47 3.19
N MET E 83 32.66 37.43 3.91
CA MET E 83 33.03 36.23 4.65
C MET E 83 32.00 35.90 5.73
N VAL E 84 31.55 36.91 6.48
CA VAL E 84 30.60 36.64 7.55
C VAL E 84 29.25 36.26 6.98
N ILE E 85 28.84 36.87 5.85
CA ILE E 85 27.58 36.48 5.24
C ILE E 85 27.64 35.04 4.76
N LEU E 86 28.73 34.64 4.12
CA LEU E 86 28.88 33.25 3.71
C LEU E 86 28.88 32.32 4.91
N SER E 87 29.51 32.73 6.01
CA SER E 87 29.58 31.89 7.20
C SER E 87 28.20 31.68 7.81
N LEU E 88 27.44 32.75 8.00
CA LEU E 88 26.08 32.62 8.52
C LEU E 88 25.19 31.83 7.56
N THR E 89 25.36 32.02 6.25
CA THR E 89 24.62 31.21 5.30
C THR E 89 24.95 29.74 5.47
N PHE E 90 26.23 29.42 5.66
CA PHE E 90 26.65 28.04 5.85
C PHE E 90 26.01 27.43 7.10
N LEU E 91 26.17 28.11 8.24
CA LEU E 91 25.66 27.58 9.52
C LEU E 91 24.14 27.58 9.59
N LEU E 92 23.46 28.42 8.81
CA LEU E 92 22.00 28.41 8.82
C LEU E 92 21.41 27.55 7.71
N GLY E 93 22.22 27.15 6.74
CA GLY E 93 21.72 26.38 5.62
C GLY E 93 22.01 24.90 5.71
N LEU E 94 23.17 24.51 6.26
CA LEU E 94 23.40 23.08 6.46
C LEU E 94 22.33 22.45 7.33
N PRO E 95 22.01 22.97 8.52
CA PRO E 95 20.93 22.37 9.30
C PRO E 95 19.59 22.42 8.59
N GLY E 96 19.20 23.59 8.08
CA GLY E 96 17.88 23.72 7.47
C GLY E 96 17.71 22.86 6.25
N ASN E 97 18.68 22.90 5.33
CA ASN E 97 18.57 22.13 4.10
C ASN E 97 18.73 20.63 4.37
N GLY E 98 19.64 20.25 5.26
CA GLY E 98 19.77 18.84 5.59
C GLY E 98 18.50 18.29 6.23
N LEU E 99 17.91 19.05 7.15
CA LEU E 99 16.65 18.65 7.77
C LEU E 99 15.54 18.54 6.73
N VAL E 100 15.42 19.54 5.86
CA VAL E 100 14.35 19.51 4.87
C VAL E 100 14.53 18.33 3.93
N LEU E 101 15.75 18.07 3.49
CA LEU E 101 16.01 16.94 2.59
C LEU E 101 15.67 15.62 3.27
N TRP E 102 16.13 15.44 4.51
CA TRP E 102 15.87 14.18 5.22
C TRP E 102 14.37 13.98 5.40
N VAL E 103 13.68 15.01 5.90
CA VAL E 103 12.24 14.92 6.16
C VAL E 103 11.46 14.65 4.88
N ALA E 104 11.79 15.36 3.80
CA ALA E 104 10.99 15.27 2.59
C ALA E 104 11.30 14.03 1.76
N GLY E 105 12.56 13.58 1.75
CA GLY E 105 12.94 12.45 0.94
C GLY E 105 12.95 11.11 1.63
N LEU E 106 12.87 11.07 2.96
CA LEU E 106 12.85 9.79 3.65
C LEU E 106 11.65 9.60 4.57
N LYS E 107 11.14 10.67 5.18
CA LYS E 107 10.01 10.57 6.10
C LYS E 107 8.69 11.03 5.47
N MET E 108 8.68 11.35 4.18
CA MET E 108 7.46 11.71 3.49
C MET E 108 7.40 10.98 2.15
N GLN E 109 6.20 10.84 1.64
CA GLN E 109 5.97 10.11 0.40
C GLN E 109 6.11 11.05 -0.79
N ARG E 110 6.16 10.46 -1.99
CA ARG E 110 6.30 11.23 -3.23
C ARG E 110 4.95 11.79 -3.62
N THR E 111 4.79 13.11 -3.47
CA THR E 111 3.66 13.84 -4.00
C THR E 111 4.17 14.89 -4.96
N VAL E 112 3.24 15.51 -5.69
CA VAL E 112 3.62 16.55 -6.65
C VAL E 112 4.27 17.73 -5.92
N ASN E 113 3.69 18.12 -4.79
CA ASN E 113 4.25 19.21 -4.02
C ASN E 113 5.60 18.85 -3.42
N THR E 114 5.84 17.58 -3.15
CA THR E 114 7.08 17.15 -2.52
C THR E 114 8.25 17.12 -3.49
N ILE E 115 8.00 16.84 -4.78
CA ILE E 115 9.08 16.73 -5.75
C ILE E 115 9.79 18.08 -5.93
N TRP E 116 9.01 19.16 -6.02
CA TRP E 116 9.61 20.48 -6.15
C TRP E 116 10.50 20.80 -4.96
N PHE E 117 10.03 20.51 -3.74
CA PHE E 117 10.82 20.76 -2.55
C PHE E 117 12.08 19.89 -2.52
N LEU E 118 11.96 18.63 -2.95
CA LEU E 118 13.13 17.76 -3.02
C LEU E 118 14.21 18.36 -3.91
N HIS E 119 13.83 18.76 -5.12
CA HIS E 119 14.82 19.29 -6.06
C HIS E 119 15.37 20.63 -5.58
N LEU E 120 14.51 21.49 -5.04
CA LEU E 120 14.98 22.77 -4.53
C LEU E 120 15.96 22.58 -3.38
N THR E 121 15.68 21.64 -2.48
CA THR E 121 16.58 21.37 -1.39
C THR E 121 17.88 20.73 -1.86
N LEU E 122 17.82 19.90 -2.90
CA LEU E 122 19.06 19.42 -3.51
C LEU E 122 19.92 20.58 -3.99
N ALA E 123 19.32 21.51 -4.74
CA ALA E 123 20.08 22.63 -5.27
C ALA E 123 20.64 23.49 -4.13
N ASP E 124 19.82 23.76 -3.12
CA ASP E 124 20.25 24.60 -2.01
C ASP E 124 21.34 23.91 -1.18
N LEU E 125 21.29 22.59 -1.05
CA LEU E 125 22.29 21.88 -0.28
C LEU E 125 23.62 21.77 -1.02
N LEU E 126 23.60 21.53 -2.33
CA LEU E 126 24.84 21.61 -3.09
C LEU E 126 25.39 23.02 -3.11
N CYS E 127 24.52 24.04 -3.02
CA CYS E 127 25.00 25.38 -2.73
C CYS E 127 25.65 25.44 -1.35
N CYS E 128 25.03 24.78 -0.37
CA CYS E 128 25.55 24.79 1.00
C CYS E 128 26.91 24.14 1.08
N LEU E 129 27.10 23.02 0.38
CA LEU E 129 28.40 22.36 0.33
C LEU E 129 29.43 23.13 -0.47
N SER E 130 29.03 24.22 -1.13
CA SER E 130 29.93 24.97 -1.98
C SER E 130 30.51 26.23 -1.33
N LEU E 131 29.82 26.82 -0.35
CA LEU E 131 30.34 28.03 0.29
C LEU E 131 31.73 27.87 0.90
N PRO E 132 32.14 26.73 1.47
CA PRO E 132 33.53 26.61 1.91
C PRO E 132 34.54 26.91 0.81
N PHE E 133 34.24 26.51 -0.42
CA PHE E 133 35.12 26.83 -1.54
C PHE E 133 35.20 28.34 -1.77
N SER E 134 34.06 29.02 -1.66
CA SER E 134 34.07 30.48 -1.80
C SER E 134 34.84 31.14 -0.67
N LEU E 135 34.71 30.60 0.55
CA LEU E 135 35.47 31.13 1.69
C LEU E 135 36.97 30.97 1.46
N ALA E 136 37.39 29.80 0.95
CA ALA E 136 38.79 29.60 0.63
C ALA E 136 39.23 30.55 -0.48
N HIS E 137 38.37 30.78 -1.47
CA HIS E 137 38.69 31.72 -2.54
C HIS E 137 38.93 33.12 -2.00
N LEU E 138 38.06 33.57 -1.09
CA LEU E 138 38.24 34.89 -0.49
C LEU E 138 39.50 34.93 0.37
N ALA E 139 39.76 33.87 1.13
CA ALA E 139 40.95 33.84 1.98
C ALA E 139 42.22 33.86 1.15
N LEU E 140 42.19 33.28 -0.05
CA LEU E 140 43.37 33.27 -0.91
C LEU E 140 43.67 34.65 -1.48
N GLN E 141 42.69 35.56 -1.45
CA GLN E 141 42.86 36.93 -1.95
C GLN E 141 43.30 36.93 -3.42
N GLY E 142 42.48 36.29 -4.25
CA GLY E 142 42.76 36.23 -5.67
C GLY E 142 43.99 35.44 -6.04
N GLN E 143 44.22 34.30 -5.40
CA GLN E 143 45.32 33.41 -5.71
C GLN E 143 44.79 31.99 -5.85
N TRP E 144 45.15 31.33 -6.96
CA TRP E 144 44.68 29.97 -7.23
C TRP E 144 45.87 29.04 -7.43
N PRO E 145 46.33 28.35 -6.38
CA PRO E 145 47.41 27.36 -6.55
C PRO E 145 46.95 26.07 -7.19
N TYR E 146 45.65 25.89 -7.42
CA TYR E 146 45.13 24.66 -7.97
C TYR E 146 45.23 24.67 -9.49
N GLY E 147 44.76 23.59 -10.12
CA GLY E 147 44.83 23.45 -11.56
C GLY E 147 43.67 24.12 -12.27
N ARG E 148 43.71 24.03 -13.60
CA ARG E 148 42.67 24.64 -14.42
C ARG E 148 41.33 23.90 -14.27
N PHE E 149 41.38 22.59 -14.07
CA PHE E 149 40.14 21.81 -14.01
C PHE E 149 39.28 22.24 -12.83
N LEU E 150 39.88 22.43 -11.66
CA LEU E 150 39.10 22.88 -10.51
C LEU E 150 38.53 24.28 -10.74
N CYS E 151 39.31 25.17 -11.34
CA CYS E 151 38.84 26.52 -11.62
C CYS E 151 37.69 26.53 -12.60
N LYS E 152 37.66 25.58 -13.54
CA LYS E 152 36.52 25.46 -14.45
C LYS E 152 35.35 24.72 -13.83
N LEU E 153 35.59 23.86 -12.85
CA LEU E 153 34.55 23.00 -12.32
C LEU E 153 33.77 23.63 -11.17
N ILE E 154 34.47 24.12 -10.14
CA ILE E 154 33.78 24.58 -8.93
C ILE E 154 32.82 25.74 -9.22
N PRO E 155 33.23 26.82 -9.89
CA PRO E 155 32.25 27.86 -10.22
C PRO E 155 31.12 27.37 -11.09
N SER E 156 31.41 26.42 -11.99
CA SER E 156 30.35 25.88 -12.84
C SER E 156 29.28 25.18 -12.01
N ILE E 157 29.70 24.35 -11.06
CA ILE E 157 28.75 23.66 -10.19
C ILE E 157 27.98 24.67 -9.33
N ILE E 158 28.67 25.69 -8.81
CA ILE E 158 28.01 26.67 -7.97
C ILE E 158 26.92 27.40 -8.76
N VAL E 159 27.26 27.86 -9.97
CA VAL E 159 26.30 28.57 -10.81
C VAL E 159 25.14 27.66 -11.20
N LEU E 160 25.46 26.41 -11.55
CA LEU E 160 24.41 25.44 -11.85
C LEU E 160 23.41 25.34 -10.72
N ASN E 161 23.91 25.16 -9.49
CA ASN E 161 23.00 24.97 -8.37
C ASN E 161 22.20 26.22 -8.06
N MET E 162 22.83 27.41 -8.11
CA MET E 162 22.09 28.63 -7.83
C MET E 162 20.96 28.86 -8.85
N PHE E 163 21.28 28.75 -10.14
CA PHE E 163 20.25 29.02 -11.13
C PHE E 163 19.25 27.89 -11.25
N ALA E 164 19.62 26.66 -10.89
CA ALA E 164 18.62 25.61 -10.73
C ALA E 164 17.65 25.96 -9.62
N SER E 165 18.16 26.50 -8.51
CA SER E 165 17.28 26.94 -7.44
C SER E 165 16.33 28.04 -7.93
N VAL E 166 16.86 28.98 -8.72
CA VAL E 166 16.03 30.07 -9.26
C VAL E 166 14.92 29.50 -10.14
N PHE E 167 15.28 28.59 -11.05
CA PHE E 167 14.27 28.01 -11.94
C PHE E 167 13.27 27.15 -11.19
N LEU E 168 13.71 26.50 -10.11
CA LEU E 168 12.77 25.74 -9.29
C LEU E 168 11.83 26.65 -8.52
N LEU E 169 12.29 27.81 -8.08
CA LEU E 169 11.38 28.80 -7.49
C LEU E 169 10.34 29.26 -8.51
N THR E 170 10.80 29.52 -9.74
CA THR E 170 9.86 29.89 -10.79
C THR E 170 8.86 28.78 -11.04
N ALA E 171 9.31 27.53 -10.99
CA ALA E 171 8.40 26.39 -11.12
C ALA E 171 7.42 26.31 -9.95
N ILE E 172 7.86 26.67 -8.74
CA ILE E 172 6.94 26.76 -7.60
C ILE E 172 5.82 27.73 -7.91
N SER E 173 6.18 28.93 -8.36
CA SER E 173 5.16 29.94 -8.65
C SER E 173 4.24 29.49 -9.79
N LEU E 174 4.82 28.90 -10.84
CA LEU E 174 4.01 28.47 -11.97
C LEU E 174 3.04 27.37 -11.58
N ASP E 175 3.49 26.40 -10.78
CA ASP E 175 2.59 25.33 -10.34
C ASP E 175 1.50 25.88 -9.43
N ARG E 176 1.83 26.84 -8.57
CA ARG E 176 0.81 27.43 -7.70
C ARG E 176 -0.25 28.15 -8.53
N CYS E 177 0.19 28.96 -9.49
CA CYS E 177 -0.77 29.65 -10.35
C CYS E 177 -1.58 28.66 -11.18
N LEU E 178 -0.95 27.56 -11.61
CA LEU E 178 -1.65 26.57 -12.42
C LEU E 178 -2.73 25.85 -11.63
N VAL E 179 -2.42 25.45 -10.40
CA VAL E 179 -3.44 24.79 -9.59
C VAL E 179 -4.54 25.77 -9.21
N VAL E 180 -4.22 27.05 -9.06
CA VAL E 180 -5.27 28.02 -8.75
C VAL E 180 -6.19 28.25 -9.96
N PHE E 181 -5.60 28.43 -11.14
CA PHE E 181 -6.35 28.91 -12.30
C PHE E 181 -6.78 27.82 -13.27
N LYS E 182 -6.17 26.65 -13.21
CA LYS E 182 -6.59 25.49 -14.02
C LYS E 182 -6.80 24.29 -13.11
N PRO E 183 -7.85 24.33 -12.27
CA PRO E 183 -8.06 23.21 -11.36
C PRO E 183 -8.51 21.95 -12.04
N ILE E 184 -9.30 22.04 -13.12
CA ILE E 184 -9.76 20.85 -13.83
C ILE E 184 -8.59 20.17 -14.53
N TRP E 185 -7.78 20.96 -15.22
CA TRP E 185 -6.61 20.41 -15.91
C TRP E 185 -5.64 19.78 -14.92
N CYS E 186 -5.44 20.42 -13.77
CA CYS E 186 -4.56 19.84 -12.76
C CYS E 186 -5.16 18.60 -12.13
N GLN E 187 -6.48 18.54 -12.01
CA GLN E 187 -7.14 17.33 -11.53
C GLN E 187 -6.88 16.17 -12.48
N ASN E 188 -6.92 16.43 -13.79
CA ASN E 188 -6.79 15.35 -14.77
C ASN E 188 -5.36 15.04 -15.18
N HIS E 189 -4.41 15.97 -15.06
CA HIS E 189 -3.11 15.82 -15.69
C HIS E 189 -1.92 16.17 -14.81
N ARG E 190 -2.11 16.52 -13.55
CA ARG E 190 -1.02 16.88 -12.66
C ARG E 190 -0.69 15.69 -11.76
N ASN E 191 0.53 15.19 -11.87
CA ASN E 191 0.98 14.03 -11.12
C ASN E 191 2.48 14.13 -10.86
N VAL E 192 3.02 13.11 -10.19
CA VAL E 192 4.45 13.12 -9.85
C VAL E 192 5.31 13.03 -11.11
N GLY E 193 4.86 12.30 -12.13
CA GLY E 193 5.67 12.13 -13.32
C GLY E 193 5.93 13.43 -14.05
N MET E 194 4.90 14.25 -14.22
CA MET E 194 5.08 15.53 -14.91
C MET E 194 5.96 16.47 -14.10
N ALA E 195 5.83 16.44 -12.76
CA ALA E 195 6.72 17.24 -11.93
C ALA E 195 8.16 16.80 -12.09
N CYS E 196 8.40 15.49 -12.11
CA CYS E 196 9.76 14.98 -12.32
C CYS E 196 10.29 15.40 -13.69
N SER E 197 9.45 15.35 -14.71
CA SER E 197 9.87 15.76 -16.05
C SER E 197 10.28 17.22 -16.08
N ILE E 198 9.47 18.10 -15.47
CA ILE E 198 9.79 19.52 -15.48
C ILE E 198 11.04 19.80 -14.65
N CYS E 199 11.22 19.08 -13.55
CA CYS E 199 12.44 19.24 -12.77
C CYS E 199 13.67 18.82 -13.57
N GLY E 200 13.56 17.71 -14.32
CA GLY E 200 14.67 17.29 -15.16
C GLY E 200 14.99 18.31 -16.24
N CYS E 201 13.94 18.89 -16.84
CA CYS E 201 14.16 19.94 -17.83
C CYS E 201 14.84 21.16 -17.19
N ILE E 202 14.46 21.49 -15.95
CA ILE E 202 15.10 22.59 -15.24
C ILE E 202 16.58 22.29 -15.03
N TRP E 203 16.90 21.05 -14.64
CA TRP E 203 18.30 20.68 -14.44
C TRP E 203 19.08 20.78 -15.75
N VAL E 204 18.47 20.35 -16.86
CA VAL E 204 19.13 20.45 -18.16
C VAL E 204 19.38 21.91 -18.51
N VAL E 205 18.39 22.77 -18.26
CA VAL E 205 18.55 24.20 -18.55
C VAL E 205 19.67 24.79 -17.70
N ALA E 206 19.74 24.39 -16.43
CA ALA E 206 20.81 24.89 -15.56
C ALA E 206 22.17 24.44 -16.05
N PHE E 207 22.28 23.19 -16.52
CA PHE E 207 23.54 22.72 -17.08
C PHE E 207 23.92 23.53 -18.31
N VAL E 208 22.95 23.81 -19.18
CA VAL E 208 23.24 24.65 -20.35
C VAL E 208 23.69 26.04 -19.91
N MET E 209 23.06 26.58 -18.87
CA MET E 209 23.44 27.90 -18.37
C MET E 209 24.86 27.93 -17.86
N CYS E 210 25.27 26.87 -17.14
CA CYS E 210 26.61 26.85 -16.57
C CYS E 210 27.68 26.40 -17.56
N ILE E 211 27.29 25.87 -18.73
CA ILE E 211 28.28 25.47 -19.73
C ILE E 211 29.24 26.60 -20.10
N PRO E 212 28.79 27.83 -20.39
CA PRO E 212 29.75 28.90 -20.66
C PRO E 212 30.71 29.15 -19.51
N VAL E 213 30.26 28.98 -18.27
CA VAL E 213 31.15 29.12 -17.12
C VAL E 213 32.29 28.11 -17.21
N PHE E 214 31.95 26.85 -17.48
CA PHE E 214 32.98 25.83 -17.58
C PHE E 214 33.92 26.09 -18.75
N VAL E 215 33.37 26.58 -19.86
CA VAL E 215 34.20 26.78 -21.06
C VAL E 215 35.17 27.94 -20.86
N TYR E 216 34.69 29.07 -20.33
CA TYR E 216 35.46 30.30 -20.40
C TYR E 216 36.33 30.60 -19.19
N ARG E 217 36.17 29.87 -18.08
CA ARG E 217 37.06 30.12 -16.94
C ARG E 217 38.47 29.61 -17.21
N GLU E 218 39.46 30.42 -16.88
CA GLU E 218 40.86 30.11 -17.11
C GLU E 218 41.67 30.62 -15.94
N ILE E 219 42.98 30.40 -15.99
CA ILE E 219 43.91 30.86 -14.97
C ILE E 219 44.96 31.75 -15.64
N PHE E 220 45.15 32.94 -15.11
CA PHE E 220 46.12 33.90 -15.61
C PHE E 220 47.33 33.92 -14.70
N THR E 221 48.52 33.75 -15.28
CA THR E 221 49.75 33.72 -14.52
C THR E 221 50.59 34.98 -14.78
N ASN E 224 51.66 38.38 -11.50
CA ASN E 224 52.36 38.12 -10.24
C ASN E 224 52.14 36.70 -9.77
N HIS E 225 50.88 36.36 -9.46
CA HIS E 225 50.52 35.04 -8.99
C HIS E 225 49.33 34.53 -9.80
N ASN E 226 49.25 33.21 -9.92
CA ASN E 226 48.15 32.59 -10.65
C ASN E 226 46.82 32.89 -9.98
N ARG E 227 45.82 33.26 -10.78
CA ARG E 227 44.50 33.61 -10.26
C ARG E 227 43.44 33.18 -11.25
N CYS E 228 42.24 32.95 -10.74
CA CYS E 228 41.10 32.59 -11.57
C CYS E 228 40.41 33.84 -12.08
N GLY E 229 40.09 33.86 -13.38
CA GLY E 229 39.43 35.00 -13.98
C GLY E 229 38.92 34.71 -15.38
N TYR E 230 37.89 35.43 -15.81
CA TYR E 230 37.34 35.22 -17.15
C TYR E 230 38.31 35.71 -18.21
N LYS E 231 38.31 35.03 -19.35
CA LYS E 231 39.17 35.40 -20.47
C LYS E 231 38.64 36.64 -21.17
N THR E 387 33.81 40.42 -25.94
CA THR E 387 32.52 40.24 -26.61
C THR E 387 31.70 39.05 -26.07
N PRO E 388 32.31 37.85 -25.95
CA PRO E 388 31.54 36.73 -25.39
C PRO E 388 31.04 36.98 -23.98
N LEU E 389 31.83 37.69 -23.16
CA LEU E 389 31.40 37.98 -21.80
C LEU E 389 30.10 38.79 -21.79
N VAL E 390 29.96 39.71 -22.74
CA VAL E 390 28.74 40.51 -22.82
C VAL E 390 27.54 39.61 -23.04
N ALA E 391 27.63 38.70 -24.02
CA ALA E 391 26.52 37.80 -24.30
C ALA E 391 26.22 36.91 -23.10
N ILE E 392 27.26 36.39 -22.46
CA ILE E 392 27.05 35.52 -21.30
C ILE E 392 26.31 36.26 -20.20
N THR E 393 26.77 37.46 -19.87
CA THR E 393 26.18 38.17 -18.73
C THR E 393 24.77 38.68 -19.07
N ILE E 394 24.51 39.08 -20.32
CA ILE E 394 23.18 39.54 -20.68
C ILE E 394 22.19 38.39 -20.68
N THR E 395 22.58 37.24 -21.25
CA THR E 395 21.71 36.08 -21.23
C THR E 395 21.46 35.63 -19.80
N ARG E 396 22.51 35.65 -18.96
CA ARG E 396 22.35 35.32 -17.55
C ARG E 396 21.35 36.25 -16.89
N LEU E 397 21.55 37.56 -17.03
CA LEU E 397 20.64 38.55 -16.46
C LEU E 397 19.20 38.27 -16.88
N VAL E 398 18.96 38.20 -18.18
CA VAL E 398 17.58 38.04 -18.67
C VAL E 398 16.99 36.73 -18.14
N VAL E 399 17.56 35.60 -18.54
CA VAL E 399 16.92 34.31 -18.31
C VAL E 399 16.87 33.97 -16.82
N GLY E 400 17.83 34.45 -16.02
CA GLY E 400 17.84 34.10 -14.61
C GLY E 400 17.24 35.13 -13.68
N PHE E 401 16.95 36.33 -14.15
CA PHE E 401 16.29 37.34 -13.32
C PHE E 401 14.96 37.79 -13.89
N LEU E 402 14.94 38.28 -15.13
CA LEU E 402 13.77 39.02 -15.61
C LEU E 402 12.57 38.10 -15.80
N LEU E 403 12.74 37.05 -16.60
CA LEU E 403 11.64 36.11 -16.79
C LEU E 403 11.21 35.44 -15.48
N PRO E 404 12.11 34.91 -14.65
CA PRO E 404 11.65 34.40 -13.35
C PRO E 404 10.98 35.44 -12.48
N SER E 405 11.52 36.67 -12.42
CA SER E 405 10.91 37.69 -11.58
C SER E 405 9.52 38.06 -12.09
N VAL E 406 9.40 38.28 -13.40
CA VAL E 406 8.11 38.64 -13.96
C VAL E 406 7.10 37.52 -13.77
N ILE E 407 7.52 36.28 -14.00
CA ILE E 407 6.61 35.15 -13.84
C ILE E 407 6.16 35.02 -12.39
N MET E 408 7.09 35.13 -11.44
CA MET E 408 6.73 34.99 -10.04
C MET E 408 5.80 36.11 -9.59
N ILE E 409 6.11 37.35 -9.95
CA ILE E 409 5.28 38.48 -9.56
C ILE E 409 3.89 38.33 -10.17
N ALA E 410 3.81 37.98 -11.46
CA ALA E 410 2.52 37.83 -12.11
C ALA E 410 1.71 36.68 -11.51
N CYS E 411 2.35 35.54 -11.27
CA CYS E 411 1.63 34.40 -10.72
C CYS E 411 1.10 34.70 -9.32
N TYR E 412 1.92 35.34 -8.48
CA TYR E 412 1.46 35.64 -7.13
C TYR E 412 0.43 36.77 -7.12
N SER E 413 0.55 37.73 -8.03
CA SER E 413 -0.47 38.76 -8.16
C SER E 413 -1.80 38.16 -8.60
N PHE E 414 -1.76 37.21 -9.54
CA PHE E 414 -2.99 36.56 -9.98
C PHE E 414 -3.59 35.70 -8.87
N ILE E 415 -2.75 35.03 -8.08
CA ILE E 415 -3.27 34.25 -6.96
C ILE E 415 -3.95 35.17 -5.95
N VAL E 416 -3.31 36.30 -5.64
CA VAL E 416 -3.90 37.26 -4.71
C VAL E 416 -5.21 37.81 -5.25
N PHE E 417 -5.25 38.16 -6.53
CA PHE E 417 -6.48 38.66 -7.14
C PHE E 417 -7.58 37.59 -7.13
N ARG E 418 -7.21 36.33 -7.33
CA ARG E 418 -8.16 35.23 -7.21
C ARG E 418 -8.69 35.10 -5.79
N MET E 419 -7.85 35.35 -4.80
CA MET E 419 -8.23 35.29 -3.38
C MET E 419 -9.27 36.35 -2.99
N GLN E 420 -9.74 37.17 -3.94
CA GLN E 420 -10.65 38.25 -3.60
C GLN E 420 -12.08 37.76 -3.35
N ARG E 421 -12.52 36.74 -4.08
CA ARG E 421 -13.92 36.35 -4.08
C ARG E 421 -14.11 35.00 -3.39
N GLY E 422 -15.33 34.79 -2.91
CA GLY E 422 -15.72 33.49 -2.39
C GLY E 422 -15.15 33.22 -1.01
N ARG E 423 -14.81 31.96 -0.76
CA ARG E 423 -14.31 31.54 0.55
C ARG E 423 -12.93 32.09 0.86
N PHE E 424 -12.19 32.56 -0.14
CA PHE E 424 -10.80 32.96 0.04
C PHE E 424 -10.65 34.40 0.50
N ALA E 425 -11.74 35.18 0.58
CA ALA E 425 -11.63 36.57 0.99
C ALA E 425 -11.12 36.70 2.41
N LYS E 426 -11.41 35.70 3.26
CA LYS E 426 -10.99 35.75 4.66
C LYS E 426 -9.52 35.40 4.85
N SER E 427 -8.88 34.76 3.87
CA SER E 427 -7.47 34.41 3.96
C SER E 427 -6.64 35.09 2.88
N GLN E 428 -7.25 36.03 2.14
CA GLN E 428 -6.51 36.78 1.15
C GLN E 428 -5.36 37.56 1.78
N SER E 429 -5.56 38.12 2.97
CA SER E 429 -4.48 38.88 3.62
C SER E 429 -3.27 37.99 3.92
N LYS E 430 -3.52 36.79 4.45
CA LYS E 430 -2.42 35.87 4.75
C LYS E 430 -1.70 35.44 3.48
N THR E 431 -2.46 35.09 2.44
CA THR E 431 -1.84 34.71 1.18
C THR E 431 -1.02 35.85 0.60
N PHE E 432 -1.56 37.08 0.67
CA PHE E 432 -0.85 38.25 0.18
C PHE E 432 0.45 38.45 0.93
N ARG E 433 0.42 38.31 2.26
CA ARG E 433 1.63 38.48 3.05
C ARG E 433 2.68 37.43 2.67
N VAL E 434 2.27 36.18 2.53
CA VAL E 434 3.22 35.11 2.19
C VAL E 434 3.86 35.40 0.82
N ALA E 435 3.03 35.75 -0.16
CA ALA E 435 3.55 36.02 -1.50
C ALA E 435 4.50 37.22 -1.50
N VAL E 436 4.13 38.29 -0.78
CA VAL E 436 4.97 39.48 -0.74
C VAL E 436 6.31 39.15 -0.10
N VAL E 437 6.30 38.40 1.00
CA VAL E 437 7.55 38.06 1.67
C VAL E 437 8.45 37.23 0.76
N VAL E 438 7.89 36.21 0.11
CA VAL E 438 8.75 35.35 -0.71
C VAL E 438 9.32 36.12 -1.90
N VAL E 439 8.48 36.93 -2.56
CA VAL E 439 8.96 37.69 -3.72
C VAL E 439 10.00 38.70 -3.29
N ALA E 440 9.78 39.39 -2.17
CA ALA E 440 10.73 40.39 -1.71
C ALA E 440 12.06 39.76 -1.29
N VAL E 441 12.01 38.59 -0.65
CA VAL E 441 13.25 37.92 -0.27
C VAL E 441 14.03 37.51 -1.52
N PHE E 442 13.34 36.94 -2.51
CA PHE E 442 14.02 36.59 -3.76
C PHE E 442 14.64 37.83 -4.40
N LEU E 443 13.90 38.94 -4.43
CA LEU E 443 14.41 40.15 -5.06
C LEU E 443 15.63 40.69 -4.33
N VAL E 444 15.58 40.79 -3.00
CA VAL E 444 16.71 41.35 -2.27
C VAL E 444 17.92 40.43 -2.35
N CYS E 445 17.70 39.12 -2.46
CA CYS E 445 18.84 38.21 -2.57
C CYS E 445 19.47 38.26 -3.95
N TRP E 446 18.65 38.39 -5.00
CA TRP E 446 19.14 38.18 -6.35
C TRP E 446 19.29 39.43 -7.20
N THR E 447 18.86 40.60 -6.73
CA THR E 447 19.00 41.78 -7.57
C THR E 447 20.44 42.30 -7.56
N PRO E 448 21.03 42.61 -6.39
CA PRO E 448 22.35 43.28 -6.42
C PRO E 448 23.39 42.51 -7.21
N TYR E 449 23.29 41.18 -7.23
CA TYR E 449 24.10 40.39 -8.14
C TYR E 449 23.98 40.90 -9.57
N HIS E 450 22.75 41.08 -10.04
CA HIS E 450 22.54 41.46 -11.43
C HIS E 450 22.91 42.93 -11.68
N ILE E 451 22.62 43.82 -10.73
CA ILE E 451 23.03 45.21 -10.92
C ILE E 451 24.55 45.35 -10.98
N PHE E 452 25.28 44.70 -10.06
CA PHE E 452 26.74 44.80 -10.17
C PHE E 452 27.27 44.02 -11.37
N GLY E 453 26.55 43.01 -11.85
CA GLY E 453 26.94 42.41 -13.11
C GLY E 453 26.88 43.41 -14.26
N VAL E 454 25.78 44.15 -14.37
CA VAL E 454 25.68 45.09 -15.48
C VAL E 454 26.66 46.26 -15.31
N LEU E 455 26.94 46.67 -14.06
CA LEU E 455 27.95 47.71 -13.86
C LEU E 455 29.35 47.21 -14.20
N SER E 456 29.65 45.95 -13.89
CA SER E 456 30.92 45.37 -14.32
C SER E 456 31.01 45.33 -15.84
N LEU E 457 29.88 45.10 -16.51
CA LEU E 457 29.84 45.25 -17.96
C LEU E 457 30.17 46.68 -18.38
N LEU E 458 29.57 47.66 -17.70
CA LEU E 458 29.66 49.05 -18.15
C LEU E 458 31.02 49.67 -17.83
N THR E 459 31.60 49.33 -16.69
CA THR E 459 32.81 49.97 -16.21
C THR E 459 34.02 49.06 -16.42
N ASP E 460 35.06 49.60 -17.05
CA ASP E 460 36.28 48.83 -17.27
C ASP E 460 37.00 48.62 -15.94
N PRO E 461 37.66 47.47 -15.76
CA PRO E 461 38.36 47.22 -14.48
C PRO E 461 39.46 48.22 -14.19
N GLU E 462 40.16 48.70 -15.22
CA GLU E 462 41.27 49.63 -14.99
C GLU E 462 40.77 51.01 -14.61
N THR E 463 39.58 51.38 -15.06
CA THR E 463 39.02 52.70 -14.75
C THR E 463 38.66 52.78 -13.27
N PRO E 464 38.59 54.00 -12.72
CA PRO E 464 38.19 54.16 -11.32
C PRO E 464 36.77 53.65 -11.11
N LEU E 465 36.50 53.23 -9.88
CA LEU E 465 35.29 52.59 -9.38
C LEU E 465 35.22 51.12 -9.81
N GLY E 466 36.14 50.64 -10.64
CA GLY E 466 36.17 49.22 -10.96
C GLY E 466 36.59 48.38 -9.77
N LYS E 467 37.55 48.88 -8.98
CA LYS E 467 37.99 48.15 -7.80
C LYS E 467 36.85 47.99 -6.80
N THR E 468 36.03 49.03 -6.62
CA THR E 468 34.89 48.94 -5.73
C THR E 468 33.89 47.88 -6.21
N LEU E 469 33.62 47.86 -7.51
CA LEU E 469 32.72 46.85 -8.05
C LEU E 469 33.26 45.45 -7.84
N MET E 470 34.57 45.27 -8.07
CA MET E 470 35.18 43.96 -7.85
C MET E 470 35.10 43.55 -6.39
N SER E 471 35.33 44.51 -5.48
CA SER E 471 35.29 44.20 -4.05
C SER E 471 33.88 43.79 -3.61
N TRP E 472 32.86 44.51 -4.05
CA TRP E 472 31.51 44.22 -3.58
C TRP E 472 30.83 43.12 -4.39
N ASP E 473 31.48 42.68 -5.44
CA ASP E 473 30.88 41.54 -6.12
C ASP E 473 30.82 40.44 -5.08
N HIS E 474 31.91 40.18 -4.39
CA HIS E 474 31.95 39.06 -3.44
C HIS E 474 30.72 39.08 -2.53
N VAL E 475 30.42 40.24 -1.95
CA VAL E 475 29.29 40.30 -1.02
C VAL E 475 27.98 40.10 -1.76
N CYS E 476 27.88 40.55 -3.01
CA CYS E 476 26.65 40.32 -3.76
C CYS E 476 26.45 38.85 -4.09
N ILE E 477 27.53 38.16 -4.44
CA ILE E 477 27.43 36.71 -4.62
C ILE E 477 27.05 36.04 -3.31
N ALA E 478 27.55 36.55 -2.19
CA ALA E 478 27.17 36.00 -0.90
C ALA E 478 25.67 36.15 -0.64
N LEU E 479 25.11 37.33 -0.96
CA LEU E 479 23.67 37.51 -0.86
C LEU E 479 22.93 36.54 -1.79
N ALA E 480 23.42 36.38 -3.02
CA ALA E 480 22.77 35.48 -3.95
C ALA E 480 22.74 34.05 -3.42
N SER E 481 23.82 33.63 -2.77
CA SER E 481 23.88 32.30 -2.18
C SER E 481 23.07 32.17 -0.89
N ALA E 482 22.84 33.27 -0.17
CA ALA E 482 22.04 33.22 1.05
C ALA E 482 20.59 32.82 0.78
N ASN E 483 20.11 33.02 -0.45
CA ASN E 483 18.77 32.51 -0.79
C ASN E 483 18.69 31.01 -0.56
N SER E 484 19.82 30.31 -0.69
CA SER E 484 19.82 28.86 -0.46
C SER E 484 19.46 28.53 0.98
N CYS E 485 20.00 29.27 1.95
CA CYS E 485 19.63 28.99 3.33
C CYS E 485 18.26 29.55 3.67
N PHE E 486 17.82 30.60 2.97
CA PHE E 486 16.50 31.15 3.24
C PHE E 486 15.37 30.29 2.71
N ASN E 487 15.59 29.60 1.59
CA ASN E 487 14.49 28.89 0.92
C ASN E 487 13.79 27.83 1.77
N PRO E 488 14.49 26.99 2.56
CA PRO E 488 13.75 26.00 3.37
C PRO E 488 12.70 26.62 4.27
N PHE E 489 13.08 27.63 5.06
CA PHE E 489 12.12 28.28 5.94
C PHE E 489 10.98 28.92 5.17
N LEU E 490 11.23 29.42 3.97
CA LEU E 490 10.20 30.13 3.23
C LEU E 490 9.26 29.22 2.46
N TYR E 491 9.69 28.00 2.13
CA TYR E 491 8.85 27.13 1.31
C TYR E 491 8.45 25.84 2.02
N ALA E 492 9.40 25.08 2.55
CA ALA E 492 9.03 23.82 3.17
C ALA E 492 8.43 24.02 4.55
N LEU E 493 8.82 25.08 5.25
CA LEU E 493 8.43 25.27 6.64
C LEU E 493 7.19 26.14 6.80
N LEU E 494 6.50 26.46 5.71
CA LEU E 494 5.14 26.98 5.80
C LEU E 494 4.08 25.89 5.68
N GLY E 495 4.50 24.65 5.41
CA GLY E 495 3.58 23.53 5.40
C GLY E 495 3.36 22.98 6.79
N LYS E 496 2.10 22.93 7.23
CA LYS E 496 1.81 22.48 8.59
C LYS E 496 2.23 21.03 8.78
N ASP E 497 1.96 20.17 7.80
CA ASP E 497 2.40 18.78 7.88
C ASP E 497 3.92 18.68 7.93
N PHE E 498 4.61 19.49 7.12
CA PHE E 498 6.07 19.48 7.14
C PHE E 498 6.60 19.96 8.49
N ARG E 499 5.98 21.00 9.05
CA ARG E 499 6.41 21.48 10.37
C ARG E 499 6.22 20.42 11.44
N LYS E 500 5.07 19.74 11.43
CA LYS E 500 4.82 18.70 12.41
C LYS E 500 5.81 17.55 12.24
N LYS E 501 6.07 17.13 11.00
CA LYS E 501 6.99 16.03 10.76
C LYS E 501 8.40 16.39 11.19
N ALA E 502 8.84 17.62 10.90
CA ALA E 502 10.17 18.05 11.32
C ALA E 502 10.29 18.13 12.84
N ARG E 503 9.27 18.66 13.51
CA ARG E 503 9.31 18.74 14.97
C ARG E 503 9.32 17.35 15.59
N GLN E 504 8.54 16.42 15.02
CA GLN E 504 8.58 15.04 15.49
C GLN E 504 9.96 14.43 15.27
N SER E 505 10.57 14.70 14.13
CA SER E 505 11.85 14.10 13.78
C SER E 505 13.01 14.67 14.58
N ILE E 506 12.82 15.84 15.19
CA ILE E 506 13.91 16.48 15.92
C ILE E 506 13.59 16.51 17.41
#